data_2J3I
#
_entry.id   2J3I
#
_cell.length_a   49.150
_cell.length_b   122.660
_cell.length_c   147.940
_cell.angle_alpha   90.00
_cell.angle_beta   90.00
_cell.angle_gamma   90.00
#
_symmetry.space_group_name_H-M   'P 21 21 21'
#
loop_
_entity.id
_entity.type
_entity.pdbx_description
1 polymer 'NADP-DEPENDENT OXIDOREDUCTASE P1'
2 non-polymer 'NADP NICOTINAMIDE-ADENINE-DINUCLEOTIDE PHOSPHATE'
3 water water
#
_entity_poly.entity_id   1
_entity_poly.type   'polypeptide(L)'
_entity_poly.pdbx_seq_one_letter_code
;MTATNKQVILKDYVSGFPTESDFDFTTTTVELRVPEGTNSVLVKNLYLSCDPYMRIRMGKPDPSTAALAQAYTPGQPIQG
YGVSRIIESGHPDYKKGDLLWGIVAWEEYSVITPMTHAHFKIQHTDVPLSYYTGLLGMPGMTAYAGFYEVCSPKEGETVY
VSAASGAVGQLVGQLAKMMGCYVVGSAGSKEKVDLLKTKFGFDDAFNYKEESDLTAALKRCFPNGIDIYFENVGGKMLDA
VLVNMNMHGRIAVCGMISQYNLENQEGVHNLSNIIYKRNRIQGFVVSDFYDKYSKFLEFVLPHIREGKITYVEDVADGLE
KAPEALVGLFHGKNVGKQVVVVARE
;
_entity_poly.pdbx_strand_id   A,B
#
# COMPACT_ATOMS: atom_id res chain seq x y z
N MET A 1 53.19 -0.58 10.03
CA MET A 1 52.27 -0.77 8.94
C MET A 1 52.44 -0.10 7.51
N THR A 2 53.07 -0.91 6.64
CA THR A 2 53.11 -0.64 5.19
C THR A 2 52.99 -2.02 4.53
N ALA A 3 51.85 -2.52 5.02
CA ALA A 3 51.32 -3.87 4.94
C ALA A 3 50.75 -4.45 3.64
N THR A 4 50.19 -5.66 3.73
CA THR A 4 49.45 -6.33 2.67
C THR A 4 48.00 -6.07 3.05
N ASN A 5 47.14 -6.07 2.06
CA ASN A 5 45.71 -5.89 2.26
C ASN A 5 44.88 -6.88 1.50
N LYS A 6 44.13 -7.58 2.35
CA LYS A 6 43.25 -8.63 1.91
C LYS A 6 41.90 -8.01 1.56
N GLN A 7 41.31 -8.56 0.48
CA GLN A 7 40.00 -8.17 -0.05
C GLN A 7 39.19 -9.34 -0.61
N VAL A 8 37.91 -9.32 -0.25
CA VAL A 8 36.90 -10.30 -0.66
C VAL A 8 36.22 -9.74 -1.88
N ILE A 9 36.29 -10.32 -3.08
CA ILE A 9 35.67 -9.72 -4.25
C ILE A 9 34.45 -10.45 -4.85
N LEU A 10 33.91 -9.92 -5.96
CA LEU A 10 32.87 -10.59 -6.70
C LEU A 10 33.39 -10.82 -8.10
N LYS A 11 33.29 -12.12 -8.36
CA LYS A 11 33.65 -12.79 -9.59
C LYS A 11 32.91 -12.17 -10.75
N ASP A 12 31.59 -12.30 -10.58
CA ASP A 12 30.58 -11.89 -11.52
C ASP A 12 29.20 -12.19 -11.00
N TYR A 13 28.30 -11.40 -11.58
CA TYR A 13 26.87 -11.36 -11.31
C TYR A 13 26.14 -12.66 -11.00
N VAL A 14 25.66 -12.66 -9.75
CA VAL A 14 24.85 -13.69 -9.13
C VAL A 14 23.46 -13.80 -9.77
N SER A 15 23.15 -15.01 -10.24
CA SER A 15 21.83 -15.30 -10.79
C SER A 15 21.16 -16.18 -9.74
N GLY A 16 19.94 -15.90 -9.29
CA GLY A 16 19.27 -16.71 -8.27
C GLY A 16 19.76 -16.43 -6.85
N PHE A 17 20.41 -17.44 -6.26
CA PHE A 17 20.95 -17.29 -4.92
C PHE A 17 22.41 -16.90 -5.02
N PRO A 18 23.03 -16.22 -4.03
CA PRO A 18 24.48 -16.07 -3.94
C PRO A 18 25.17 -17.26 -3.28
N THR A 19 26.28 -17.69 -3.87
CA THR A 19 27.08 -18.73 -3.25
C THR A 19 28.54 -18.30 -3.14
N GLU A 20 29.25 -19.03 -2.27
CA GLU A 20 30.64 -18.77 -1.95
C GLU A 20 31.56 -18.70 -3.17
N SER A 21 31.19 -19.46 -4.19
CA SER A 21 31.91 -19.44 -5.45
C SER A 21 31.80 -18.13 -6.23
N ASP A 22 30.73 -17.34 -6.04
CA ASP A 22 30.61 -16.05 -6.69
C ASP A 22 31.42 -14.99 -5.96
N PHE A 23 32.31 -15.43 -5.06
CA PHE A 23 33.22 -14.58 -4.29
C PHE A 23 34.61 -15.20 -4.25
N ASP A 24 35.60 -14.34 -4.46
CA ASP A 24 37.00 -14.73 -4.56
C ASP A 24 37.87 -13.90 -3.66
N PHE A 25 38.97 -14.44 -3.17
CA PHE A 25 39.83 -13.69 -2.28
C PHE A 25 41.04 -13.11 -2.97
N THR A 26 41.53 -11.94 -2.58
CA THR A 26 42.75 -11.38 -3.17
C THR A 26 43.52 -10.45 -2.25
N THR A 27 44.84 -10.40 -2.48
CA THR A 27 45.73 -9.62 -1.66
C THR A 27 46.42 -8.53 -2.46
N THR A 28 46.07 -7.30 -2.04
CA THR A 28 46.74 -6.08 -2.47
C THR A 28 47.73 -5.70 -1.35
N THR A 29 48.63 -4.71 -1.50
CA THR A 29 49.50 -4.31 -0.38
C THR A 29 49.39 -2.78 -0.23
N VAL A 30 49.04 -2.34 0.98
CA VAL A 30 48.80 -0.95 1.31
C VAL A 30 49.90 -0.27 2.14
N GLU A 31 50.24 0.93 1.65
CA GLU A 31 51.20 1.84 2.27
C GLU A 31 50.48 2.56 3.41
N LEU A 32 50.70 2.45 4.78
CA LEU A 32 49.75 3.26 5.53
C LEU A 32 50.09 4.75 5.67
N ARG A 33 49.88 5.43 4.52
CA ARG A 33 50.04 6.87 4.39
C ARG A 33 48.75 7.73 4.40
N VAL A 34 48.88 9.05 4.25
CA VAL A 34 47.83 10.01 4.50
C VAL A 34 46.39 9.96 3.99
N PRO A 35 45.96 9.59 2.78
CA PRO A 35 46.77 9.40 1.60
C PRO A 35 46.42 10.36 0.44
N GLU A 36 46.59 9.82 -0.76
CA GLU A 36 46.29 10.51 -2.01
C GLU A 36 44.82 10.49 -2.33
N GLY A 37 44.30 11.71 -2.44
CA GLY A 37 42.91 11.95 -2.77
C GLY A 37 42.55 13.38 -2.42
N THR A 38 41.27 13.61 -2.09
CA THR A 38 40.83 14.92 -1.65
C THR A 38 40.26 14.89 -0.22
N ASN A 39 38.98 14.69 0.11
CA ASN A 39 38.56 14.66 1.51
C ASN A 39 38.65 13.29 2.16
N SER A 40 39.75 12.60 1.80
CA SER A 40 40.08 11.23 2.16
C SER A 40 40.64 10.96 3.53
N VAL A 41 40.31 9.78 4.04
CA VAL A 41 40.95 9.22 5.23
C VAL A 41 41.35 7.79 4.85
N LEU A 42 42.44 7.21 5.42
CA LEU A 42 42.74 5.78 5.28
C LEU A 42 42.20 5.08 6.53
N VAL A 43 41.68 3.86 6.43
CA VAL A 43 41.17 3.16 7.60
C VAL A 43 41.49 1.68 7.65
N LYS A 44 41.37 1.21 8.89
CA LYS A 44 41.49 -0.19 9.24
C LYS A 44 40.06 -0.63 9.50
N ASN A 45 39.54 -1.41 8.57
CA ASN A 45 38.18 -1.92 8.70
C ASN A 45 38.18 -2.93 9.82
N LEU A 46 37.48 -2.52 10.89
CA LEU A 46 37.33 -3.36 12.05
C LEU A 46 36.26 -4.45 11.96
N TYR A 47 35.04 -3.98 11.64
CA TYR A 47 33.90 -4.85 11.53
C TYR A 47 33.23 -4.52 10.20
N LEU A 48 32.42 -5.51 9.76
CA LEU A 48 31.66 -5.54 8.52
C LEU A 48 30.24 -5.99 8.82
N SER A 49 29.28 -5.62 7.96
CA SER A 49 27.91 -6.02 8.18
C SER A 49 27.37 -6.78 7.01
N CYS A 50 26.67 -7.86 7.37
CA CYS A 50 25.98 -8.58 6.32
C CYS A 50 24.53 -8.17 6.35
N ASP A 51 24.54 -7.33 5.30
CA ASP A 51 23.44 -6.54 4.77
C ASP A 51 22.71 -7.37 3.68
N PRO A 52 21.41 -7.69 3.76
CA PRO A 52 20.66 -8.28 2.65
C PRO A 52 20.35 -7.47 1.39
N TYR A 53 20.55 -6.13 1.32
CA TYR A 53 20.39 -5.32 0.07
C TYR A 53 21.44 -5.68 -0.99
N MET A 54 22.51 -6.30 -0.44
CA MET A 54 23.69 -6.67 -1.18
C MET A 54 23.46 -7.58 -2.38
N ARG A 55 22.42 -8.45 -2.32
CA ARG A 55 22.06 -9.34 -3.41
C ARG A 55 21.60 -8.58 -4.67
N ILE A 56 20.68 -7.65 -4.43
CA ILE A 56 20.18 -6.73 -5.42
C ILE A 56 21.39 -5.97 -5.95
N ARG A 57 22.28 -5.55 -5.01
CA ARG A 57 23.51 -4.86 -5.41
C ARG A 57 24.52 -5.71 -6.19
N MET A 58 24.35 -7.03 -6.24
CA MET A 58 25.26 -7.87 -7.02
C MET A 58 24.63 -8.59 -8.19
N GLY A 59 23.54 -8.06 -8.76
CA GLY A 59 22.97 -8.63 -10.00
C GLY A 59 23.29 -7.72 -11.18
N LYS A 60 22.96 -7.99 -12.46
CA LYS A 60 23.25 -6.99 -13.49
C LYS A 60 22.03 -6.20 -13.93
N GLN A 70 23.39 1.56 -9.47
CA GLN A 70 24.11 1.32 -8.23
C GLN A 70 24.34 -0.18 -8.07
N ALA A 71 25.40 -0.72 -8.65
CA ALA A 71 25.72 -2.16 -8.56
C ALA A 71 27.22 -2.36 -8.59
N TYR A 72 27.76 -3.23 -7.70
CA TYR A 72 29.20 -3.39 -7.60
C TYR A 72 29.74 -4.00 -8.87
N THR A 73 30.89 -3.45 -9.25
CA THR A 73 31.58 -3.89 -10.42
C THR A 73 32.32 -5.19 -10.17
N PRO A 74 32.11 -6.20 -11.04
CA PRO A 74 32.91 -7.43 -11.11
C PRO A 74 34.41 -7.23 -11.07
N GLY A 75 35.03 -8.10 -10.27
CA GLY A 75 36.47 -8.04 -10.04
C GLY A 75 36.85 -7.11 -8.89
N GLN A 76 35.95 -6.19 -8.52
CA GLN A 76 36.21 -5.28 -7.43
C GLN A 76 35.50 -5.84 -6.22
N PRO A 77 36.09 -5.75 -5.00
CA PRO A 77 35.48 -6.09 -3.71
C PRO A 77 34.09 -5.55 -3.54
N ILE A 78 33.29 -6.44 -2.98
CA ILE A 78 31.95 -6.03 -2.71
C ILE A 78 32.03 -5.08 -1.51
N GLN A 79 31.43 -3.94 -1.79
CA GLN A 79 31.32 -2.84 -0.87
C GLN A 79 30.15 -3.07 0.03
N GLY A 80 30.24 -2.56 1.25
CA GLY A 80 29.16 -2.72 2.20
C GLY A 80 29.43 -1.95 3.48
N TYR A 81 28.44 -1.79 4.35
CA TYR A 81 28.65 -1.05 5.59
C TYR A 81 29.60 -1.76 6.52
N GLY A 82 30.35 -0.95 7.26
CA GLY A 82 31.30 -1.42 8.27
C GLY A 82 31.79 -0.33 9.22
N VAL A 83 32.26 -0.71 10.38
CA VAL A 83 32.78 0.28 11.31
C VAL A 83 34.26 0.19 11.24
N SER A 84 34.92 1.34 11.19
CA SER A 84 36.36 1.38 11.04
C SER A 84 37.16 2.37 11.88
N ARG A 85 38.50 2.27 11.84
CA ARG A 85 39.40 3.15 12.58
C ARG A 85 40.31 3.88 11.63
N ILE A 86 40.39 5.18 11.89
CA ILE A 86 41.16 6.07 11.04
C ILE A 86 42.62 5.71 11.20
N ILE A 87 43.22 5.39 10.09
CA ILE A 87 44.64 5.18 10.09
C ILE A 87 45.17 6.60 9.85
N GLU A 88 45.28 7.09 8.62
CA GLU A 88 45.81 8.41 8.31
C GLU A 88 44.75 9.30 7.73
N SER A 89 44.73 10.59 8.08
CA SER A 89 43.69 11.45 7.54
C SER A 89 44.11 12.44 6.45
N GLY A 90 43.07 13.07 5.90
CA GLY A 90 43.18 14.05 4.84
C GLY A 90 41.85 14.75 4.72
N HIS A 91 40.93 14.42 5.64
CA HIS A 91 39.61 15.03 5.79
C HIS A 91 39.57 15.92 7.03
N PRO A 92 39.05 17.17 6.98
CA PRO A 92 38.83 18.02 8.14
C PRO A 92 38.27 17.40 9.41
N ASP A 93 37.15 16.68 9.33
CA ASP A 93 36.45 16.16 10.52
C ASP A 93 37.05 14.99 11.29
N TYR A 94 37.90 14.26 10.58
CA TYR A 94 38.50 13.05 11.13
C TYR A 94 39.94 13.16 11.55
N LYS A 95 40.15 13.13 12.87
CA LYS A 95 41.48 13.20 13.48
C LYS A 95 42.19 11.91 13.08
N LYS A 96 43.49 11.97 12.75
CA LYS A 96 44.31 10.80 12.38
C LYS A 96 44.38 9.61 13.37
N GLY A 97 43.25 9.26 14.04
CA GLY A 97 43.17 8.13 14.94
C GLY A 97 41.77 7.76 15.43
N ASP A 98 40.60 8.00 14.79
CA ASP A 98 39.32 7.60 15.40
C ASP A 98 38.28 6.77 14.66
N LEU A 99 37.07 6.66 15.24
CA LEU A 99 36.04 5.75 14.75
C LEU A 99 34.96 6.27 13.82
N LEU A 100 34.76 5.51 12.76
CA LEU A 100 33.82 5.86 11.72
C LEU A 100 32.94 4.67 11.41
N TRP A 101 31.84 4.92 10.70
CA TRP A 101 31.06 3.85 10.05
C TRP A 101 30.49 4.30 8.72
N GLY A 102 30.09 3.43 7.83
CA GLY A 102 29.57 3.88 6.56
C GLY A 102 30.09 2.99 5.48
N ILE A 103 29.91 3.37 4.23
CA ILE A 103 30.27 2.48 3.14
C ILE A 103 31.77 2.33 2.98
N VAL A 104 32.20 1.07 3.03
CA VAL A 104 33.61 0.69 2.90
C VAL A 104 33.74 -0.60 2.13
N ALA A 105 34.91 -0.77 1.54
CA ALA A 105 35.16 -1.98 0.78
C ALA A 105 35.33 -3.23 1.65
N TRP A 106 35.26 -4.45 1.12
CA TRP A 106 35.52 -5.64 1.93
C TRP A 106 37.00 -5.96 1.83
N GLU A 107 37.67 -5.36 2.84
CA GLU A 107 39.11 -5.29 3.08
C GLU A 107 39.43 -5.09 4.55
N GLU A 108 40.73 -5.06 4.88
CA GLU A 108 41.20 -4.80 6.23
C GLU A 108 41.58 -3.34 6.29
N TYR A 109 42.12 -2.85 5.15
CA TYR A 109 42.63 -1.48 4.95
C TYR A 109 41.93 -0.76 3.79
N SER A 110 40.98 0.13 4.07
CA SER A 110 40.31 0.81 2.97
C SER A 110 40.45 2.33 2.95
N VAL A 111 40.24 2.93 1.77
CA VAL A 111 40.27 4.38 1.66
C VAL A 111 38.97 4.84 1.05
N ILE A 112 38.37 5.63 1.93
CA ILE A 112 37.10 6.23 1.69
C ILE A 112 37.23 7.71 2.06
N THR A 113 36.61 8.54 1.22
CA THR A 113 36.53 9.97 1.46
C THR A 113 35.18 10.28 2.07
N PRO A 114 35.02 10.50 3.40
CA PRO A 114 33.71 10.70 4.04
C PRO A 114 32.81 11.78 3.44
N MET A 115 31.53 11.40 3.46
CA MET A 115 30.43 12.27 3.07
C MET A 115 29.32 12.05 4.05
N THR A 116 28.64 13.14 4.38
CA THR A 116 27.71 13.18 5.49
C THR A 116 26.63 12.10 5.67
N HIS A 117 26.24 11.31 4.65
CA HIS A 117 25.22 10.30 4.89
C HIS A 117 25.56 8.85 4.68
N ALA A 118 26.72 8.64 4.07
CA ALA A 118 27.25 7.30 4.03
C ALA A 118 27.98 7.16 5.37
N HIS A 119 28.94 8.08 5.59
CA HIS A 119 29.83 8.10 6.74
C HIS A 119 29.56 9.03 7.91
N PHE A 120 29.21 8.36 9.00
CA PHE A 120 28.97 8.96 10.31
C PHE A 120 30.23 8.84 11.19
N LYS A 121 30.33 9.47 12.36
CA LYS A 121 31.54 9.44 13.15
C LYS A 121 31.11 8.99 14.53
N ILE A 122 31.76 7.92 15.05
CA ILE A 122 31.39 7.35 16.35
C ILE A 122 31.88 8.14 17.55
N GLN A 123 30.94 8.66 18.35
CA GLN A 123 31.29 9.49 19.50
C GLN A 123 30.82 8.88 20.83
N HIS A 124 30.56 7.58 20.82
CA HIS A 124 30.16 6.85 22.02
C HIS A 124 30.76 5.47 21.86
N THR A 125 31.66 5.15 22.77
CA THR A 125 32.30 3.84 22.70
C THR A 125 31.99 2.99 23.94
N ASP A 126 31.05 3.39 24.80
CA ASP A 126 30.63 2.65 25.99
C ASP A 126 29.56 1.55 25.76
N VAL A 127 29.75 0.99 24.57
CA VAL A 127 28.82 0.11 23.91
C VAL A 127 29.68 -0.61 22.85
N PRO A 128 29.44 -1.86 22.46
CA PRO A 128 30.23 -2.53 21.42
C PRO A 128 30.38 -1.81 20.11
N LEU A 129 31.47 -2.01 19.38
CA LEU A 129 31.63 -1.41 18.06
C LEU A 129 31.18 -2.40 17.00
N SER A 130 30.24 -3.22 17.42
CA SER A 130 29.61 -4.21 16.56
C SER A 130 28.16 -3.74 16.39
N TYR A 131 27.64 -3.03 17.42
CA TYR A 131 26.32 -2.43 17.47
C TYR A 131 26.18 -1.39 16.42
N TYR A 132 27.27 -0.66 16.18
CA TYR A 132 27.28 0.32 15.13
C TYR A 132 27.44 -0.38 13.78
N THR A 133 27.10 -1.67 13.60
CA THR A 133 26.86 -2.14 12.23
C THR A 133 25.45 -2.74 12.18
N GLY A 134 24.67 -2.61 13.26
CA GLY A 134 23.36 -3.20 13.31
C GLY A 134 22.38 -2.43 14.17
N LEU A 135 22.55 -2.45 15.49
CA LEU A 135 21.63 -1.75 16.36
C LEU A 135 21.82 -0.26 16.24
N LEU A 136 23.00 0.26 16.59
CA LEU A 136 23.31 1.67 16.53
C LEU A 136 23.87 2.02 15.16
N GLY A 137 23.45 1.29 14.13
CA GLY A 137 23.92 1.51 12.78
C GLY A 137 22.75 1.56 11.80
N MET A 138 22.96 1.24 10.52
CA MET A 138 21.89 1.35 9.54
C MET A 138 20.63 0.51 9.73
N PRO A 139 20.56 -0.75 10.21
CA PRO A 139 19.35 -1.38 10.69
C PRO A 139 18.73 -0.72 11.84
N GLY A 140 19.42 0.08 12.60
CA GLY A 140 18.78 0.72 13.74
C GLY A 140 18.01 1.96 13.36
N MET A 141 18.60 2.74 12.46
CA MET A 141 17.95 3.91 11.89
C MET A 141 16.71 3.31 11.23
N THR A 142 16.82 2.38 10.27
CA THR A 142 15.71 1.64 9.70
C THR A 142 14.69 1.09 10.69
N ALA A 143 14.99 0.60 11.89
CA ALA A 143 13.88 0.18 12.74
C ALA A 143 13.23 1.41 13.37
N TYR A 144 14.04 2.43 13.64
CA TYR A 144 13.57 3.67 14.24
C TYR A 144 12.63 4.36 13.27
N ALA A 145 13.14 4.68 12.06
CA ALA A 145 12.41 5.30 10.95
C ALA A 145 11.10 4.64 10.54
N GLY A 146 11.18 3.42 9.95
CA GLY A 146 10.04 2.59 9.57
C GLY A 146 9.00 2.35 10.66
N PHE A 147 9.34 1.96 11.89
CA PHE A 147 8.31 1.79 12.87
C PHE A 147 7.80 3.13 13.38
N TYR A 148 8.58 4.20 13.51
CA TYR A 148 8.08 5.46 14.06
C TYR A 148 7.37 6.41 13.13
N GLU A 149 7.88 6.57 11.91
CA GLU A 149 7.25 7.51 11.01
C GLU A 149 6.24 6.83 10.11
N VAL A 150 6.73 5.89 9.31
CA VAL A 150 6.03 5.09 8.32
C VAL A 150 4.98 4.06 8.81
N CYS A 151 4.89 3.75 10.10
CA CYS A 151 3.85 2.85 10.61
C CYS A 151 2.85 3.64 11.43
N SER A 152 3.33 4.82 11.82
CA SER A 152 2.72 5.77 12.76
C SER A 152 1.91 5.03 13.80
N PRO A 153 2.61 4.37 14.73
CA PRO A 153 2.02 3.64 15.83
C PRO A 153 1.37 4.56 16.82
N LYS A 154 0.31 3.92 17.25
CA LYS A 154 -0.48 4.45 18.34
C LYS A 154 -0.31 3.41 19.44
N GLU A 155 -0.80 3.64 20.65
CA GLU A 155 -0.76 2.63 21.70
C GLU A 155 -1.76 1.50 21.55
N GLY A 156 -1.52 0.46 22.36
CA GLY A 156 -2.32 -0.76 22.53
C GLY A 156 -2.51 -1.66 21.31
N GLU A 157 -1.90 -1.36 20.16
CA GLU A 157 -2.29 -2.04 18.97
C GLU A 157 -1.33 -2.96 18.27
N THR A 158 -1.91 -4.13 18.06
CA THR A 158 -1.29 -5.32 17.56
C THR A 158 -0.19 -5.17 16.49
N VAL A 159 1.10 -5.52 16.69
CA VAL A 159 2.10 -5.35 15.62
C VAL A 159 2.70 -6.65 15.14
N TYR A 160 2.55 -7.03 13.87
CA TYR A 160 3.19 -8.24 13.41
C TYR A 160 4.50 -7.81 12.80
N VAL A 161 5.60 -8.41 13.34
CA VAL A 161 6.91 -8.17 12.74
C VAL A 161 7.33 -9.42 11.99
N SER A 162 8.28 -9.42 11.04
CA SER A 162 8.47 -10.56 10.15
C SER A 162 9.78 -11.32 9.91
N ALA A 163 10.98 -10.69 9.91
CA ALA A 163 12.24 -11.46 9.95
C ALA A 163 12.74 -10.71 11.17
N ALA A 164 12.12 -11.16 12.27
CA ALA A 164 12.17 -10.52 13.58
C ALA A 164 13.38 -10.72 14.52
N SER A 165 14.06 -11.84 14.28
CA SER A 165 15.26 -12.30 14.94
C SER A 165 16.38 -11.35 14.49
N GLY A 166 16.43 -11.15 13.17
CA GLY A 166 17.47 -10.41 12.51
C GLY A 166 17.53 -8.95 12.85
N ALA A 167 18.54 -8.49 12.12
CA ALA A 167 19.01 -7.14 12.09
C ALA A 167 17.91 -6.12 12.21
N VAL A 168 17.04 -5.90 11.21
CA VAL A 168 16.03 -4.88 11.42
C VAL A 168 14.92 -5.34 12.37
N GLY A 169 14.43 -6.55 12.20
CA GLY A 169 13.28 -7.01 12.95
C GLY A 169 13.28 -6.80 14.46
N GLN A 170 14.40 -7.03 15.12
CA GLN A 170 14.36 -7.08 16.58
C GLN A 170 14.28 -5.83 17.41
N LEU A 171 14.59 -4.69 16.80
CA LEU A 171 14.45 -3.45 17.56
C LEU A 171 12.99 -3.06 17.39
N VAL A 172 12.31 -3.33 16.25
CA VAL A 172 10.91 -2.95 16.04
C VAL A 172 9.96 -3.48 17.12
N GLY A 173 10.02 -4.77 17.46
CA GLY A 173 9.14 -5.34 18.48
C GLY A 173 9.50 -4.87 19.88
N GLN A 174 10.78 -4.45 20.00
CA GLN A 174 11.32 -3.90 21.23
C GLN A 174 10.90 -2.46 21.37
N LEU A 175 10.90 -1.69 20.26
CA LEU A 175 10.45 -0.30 20.28
C LEU A 175 8.93 -0.38 20.51
N ALA A 176 8.23 -1.14 19.66
CA ALA A 176 6.81 -1.39 19.81
C ALA A 176 6.44 -1.86 21.20
N LYS A 177 7.23 -2.67 21.91
CA LYS A 177 6.79 -3.06 23.25
C LYS A 177 7.02 -1.97 24.29
N MET A 178 7.95 -1.06 23.98
CA MET A 178 8.19 0.09 24.84
C MET A 178 7.00 1.01 24.74
N MET A 179 6.38 1.14 23.56
CA MET A 179 5.11 1.87 23.43
C MET A 179 4.09 1.18 24.35
N GLY A 180 3.98 -0.12 24.17
CA GLY A 180 3.10 -0.93 24.98
C GLY A 180 2.16 -1.73 24.11
N CYS A 181 2.54 -2.00 22.86
CA CYS A 181 1.69 -2.76 21.96
C CYS A 181 1.61 -4.24 22.35
N TYR A 182 1.01 -5.02 21.48
CA TYR A 182 0.97 -6.45 21.62
C TYR A 182 1.71 -6.79 20.36
N VAL A 183 2.89 -7.35 20.55
CA VAL A 183 3.77 -7.70 19.44
C VAL A 183 3.90 -9.20 19.21
N VAL A 184 3.92 -9.61 17.96
CA VAL A 184 4.14 -10.99 17.57
C VAL A 184 5.21 -10.97 16.53
N GLY A 185 5.88 -12.11 16.34
CA GLY A 185 6.95 -12.17 15.37
C GLY A 185 7.21 -13.57 14.88
N SER A 186 7.59 -13.63 13.62
CA SER A 186 7.81 -14.93 13.04
C SER A 186 9.29 -15.07 12.83
N ALA A 187 9.79 -16.31 12.84
CA ALA A 187 11.20 -16.58 12.63
C ALA A 187 11.27 -18.00 12.18
N GLY A 188 12.33 -18.35 11.45
CA GLY A 188 12.45 -19.67 10.84
C GLY A 188 12.83 -20.94 11.62
N SER A 189 13.27 -20.94 12.90
CA SER A 189 13.75 -22.13 13.62
C SER A 189 13.54 -21.99 15.10
N LYS A 190 13.51 -23.06 15.87
CA LYS A 190 13.25 -22.86 17.28
C LYS A 190 14.31 -22.15 18.08
N GLU A 191 15.52 -21.98 17.54
CA GLU A 191 16.53 -21.16 18.21
C GLU A 191 16.13 -19.67 18.25
N LYS A 192 15.81 -19.16 17.03
CA LYS A 192 15.32 -17.80 16.75
C LYS A 192 13.94 -17.43 17.30
N VAL A 193 12.96 -18.37 17.21
CA VAL A 193 11.59 -18.24 17.75
C VAL A 193 11.56 -18.35 19.29
N ASP A 194 12.66 -18.82 19.89
CA ASP A 194 12.70 -18.79 21.34
C ASP A 194 13.28 -17.47 21.74
N LEU A 195 14.28 -17.06 20.95
CA LEU A 195 14.94 -15.79 21.22
C LEU A 195 13.96 -14.66 21.38
N LEU A 196 12.97 -14.70 20.51
CA LEU A 196 11.92 -13.71 20.45
C LEU A 196 11.22 -13.56 21.80
N LYS A 197 10.35 -14.46 22.26
CA LYS A 197 9.70 -14.30 23.56
C LYS A 197 10.64 -14.33 24.75
N THR A 198 11.83 -14.91 24.59
CA THR A 198 12.72 -15.05 25.75
C THR A 198 13.45 -13.76 26.04
N LYS A 199 14.35 -13.42 25.12
CA LYS A 199 15.24 -12.26 25.13
C LYS A 199 14.47 -10.97 25.01
N PHE A 200 13.74 -10.81 23.90
CA PHE A 200 13.06 -9.55 23.67
C PHE A 200 11.60 -9.58 24.03
N GLY A 201 11.23 -10.52 24.87
CA GLY A 201 9.89 -10.69 25.38
C GLY A 201 8.76 -10.32 24.44
N PHE A 202 8.64 -10.89 23.22
CA PHE A 202 7.50 -10.58 22.37
C PHE A 202 6.23 -11.10 23.01
N ASP A 203 5.07 -10.87 22.43
CA ASP A 203 3.91 -11.37 23.14
C ASP A 203 3.46 -12.71 22.66
N ASP A 204 4.15 -13.08 21.60
CA ASP A 204 3.96 -14.33 20.96
C ASP A 204 4.99 -14.33 19.88
N ALA A 205 5.23 -15.54 19.36
CA ALA A 205 6.15 -15.77 18.26
C ALA A 205 5.98 -17.17 17.76
N PHE A 206 6.00 -17.30 16.43
CA PHE A 206 5.81 -18.59 15.82
C PHE A 206 6.83 -18.79 14.75
N ASN A 207 7.09 -20.07 14.52
CA ASN A 207 8.06 -20.50 13.54
C ASN A 207 7.27 -20.67 12.27
N TYR A 208 7.42 -19.70 11.36
CA TYR A 208 6.68 -19.78 10.11
C TYR A 208 7.07 -20.98 9.25
N LYS A 209 8.17 -21.67 9.56
CA LYS A 209 8.52 -22.84 8.79
C LYS A 209 7.94 -24.08 9.41
N GLU A 210 7.21 -23.96 10.52
CA GLU A 210 6.54 -25.11 11.09
C GLU A 210 5.04 -25.00 10.81
N GLU A 211 4.78 -24.24 9.74
CA GLU A 211 3.44 -23.92 9.34
C GLU A 211 3.22 -23.89 7.85
N SER A 212 2.07 -24.52 7.66
CA SER A 212 1.39 -24.63 6.38
C SER A 212 0.27 -23.57 6.32
N ASP A 213 -0.47 -23.48 7.45
CA ASP A 213 -1.62 -22.61 7.66
C ASP A 213 -1.26 -21.18 8.01
N LEU A 214 -0.30 -20.52 7.34
CA LEU A 214 0.13 -19.15 7.65
C LEU A 214 -0.92 -18.08 7.94
N THR A 215 -2.04 -18.11 7.19
CA THR A 215 -3.16 -17.18 7.36
C THR A 215 -3.73 -17.53 8.70
N ALA A 216 -4.02 -18.83 8.87
CA ALA A 216 -4.52 -19.38 10.12
C ALA A 216 -3.57 -19.31 11.32
N ALA A 217 -2.28 -19.15 10.99
CA ALA A 217 -1.21 -19.04 11.95
C ALA A 217 -1.32 -17.67 12.53
N LEU A 218 -1.25 -16.71 11.59
CA LEU A 218 -1.47 -15.29 11.87
C LEU A 218 -2.83 -15.15 12.60
N LYS A 219 -3.92 -15.72 12.02
CA LYS A 219 -5.25 -15.61 12.61
C LYS A 219 -5.30 -16.20 14.02
N ARG A 220 -4.41 -17.17 14.32
CA ARG A 220 -4.33 -17.73 15.67
C ARG A 220 -3.57 -16.81 16.59
N CYS A 221 -2.36 -16.39 16.23
CA CYS A 221 -1.57 -15.45 17.02
C CYS A 221 -2.23 -14.12 17.28
N PHE A 222 -3.10 -13.68 16.36
CA PHE A 222 -3.84 -12.44 16.57
C PHE A 222 -5.33 -12.72 16.47
N PRO A 223 -5.92 -12.94 17.65
CA PRO A 223 -7.36 -12.95 17.91
C PRO A 223 -8.13 -11.80 17.33
N ASN A 224 -7.62 -10.61 17.57
CA ASN A 224 -8.27 -9.41 17.13
C ASN A 224 -7.58 -8.64 15.99
N GLY A 225 -6.72 -9.29 15.22
CA GLY A 225 -6.24 -8.66 14.01
C GLY A 225 -5.08 -7.72 14.20
N ILE A 226 -4.42 -7.55 13.06
CA ILE A 226 -3.21 -6.80 12.86
C ILE A 226 -3.46 -5.38 12.30
N ASP A 227 -3.31 -4.44 13.26
CA ASP A 227 -3.23 -3.01 13.05
C ASP A 227 -1.95 -2.71 12.29
N ILE A 228 -0.76 -3.10 12.78
CA ILE A 228 0.49 -2.82 12.07
C ILE A 228 1.29 -4.06 11.63
N TYR A 229 1.90 -4.04 10.45
CA TYR A 229 2.76 -5.12 10.06
C TYR A 229 4.00 -4.48 9.48
N PHE A 230 5.14 -4.86 10.06
CA PHE A 230 6.44 -4.37 9.60
C PHE A 230 6.92 -5.36 8.54
N GLU A 231 6.95 -5.00 7.24
CA GLU A 231 7.27 -5.92 6.14
C GLU A 231 8.73 -6.20 5.83
N ASN A 232 9.40 -7.28 6.28
CA ASN A 232 10.82 -7.51 5.95
C ASN A 232 10.99 -8.64 4.95
N VAL A 233 9.87 -9.27 4.60
CA VAL A 233 9.91 -10.43 3.70
C VAL A 233 8.96 -10.51 2.48
N GLY A 234 7.62 -10.42 2.50
CA GLY A 234 6.80 -10.47 1.28
C GLY A 234 6.11 -11.78 0.89
N GLY A 235 5.58 -11.77 -0.35
CA GLY A 235 4.86 -12.89 -0.94
C GLY A 235 3.73 -13.46 -0.06
N LYS A 236 3.85 -14.79 0.07
CA LYS A 236 3.04 -15.66 0.92
C LYS A 236 2.69 -14.98 2.26
N MET A 237 3.71 -14.43 2.92
CA MET A 237 3.54 -13.80 4.22
C MET A 237 2.63 -12.59 4.12
N LEU A 238 2.89 -11.73 3.10
CA LEU A 238 2.08 -10.54 2.85
C LEU A 238 0.63 -10.95 2.62
N ASP A 239 0.39 -11.80 1.61
CA ASP A 239 -0.92 -12.35 1.36
C ASP A 239 -1.69 -12.87 2.56
N ALA A 240 -1.12 -13.35 3.67
CA ALA A 240 -1.87 -13.84 4.85
C ALA A 240 -2.23 -12.77 5.87
N VAL A 241 -1.30 -11.82 5.74
CA VAL A 241 -1.35 -10.63 6.55
C VAL A 241 -2.46 -9.69 6.05
N LEU A 242 -2.60 -9.58 4.71
CA LEU A 242 -3.72 -8.87 4.11
C LEU A 242 -5.02 -9.51 4.62
N VAL A 243 -5.35 -10.79 4.46
CA VAL A 243 -6.57 -11.40 5.04
C VAL A 243 -6.74 -11.04 6.51
N ASN A 244 -5.56 -11.01 7.16
CA ASN A 244 -5.54 -10.72 8.59
C ASN A 244 -5.56 -9.30 9.14
N MET A 245 -5.29 -8.38 8.22
CA MET A 245 -5.11 -7.00 8.56
C MET A 245 -6.28 -6.40 9.29
N ASN A 246 -6.15 -5.22 9.86
CA ASN A 246 -7.26 -4.60 10.57
C ASN A 246 -7.76 -3.40 9.79
N MET A 247 -8.98 -2.94 10.11
CA MET A 247 -9.48 -1.69 9.54
C MET A 247 -8.53 -0.54 9.91
N HIS A 248 -8.25 0.35 8.95
CA HIS A 248 -7.34 1.48 9.07
C HIS A 248 -5.92 1.14 9.54
N GLY A 249 -5.55 -0.13 9.40
CA GLY A 249 -4.23 -0.56 9.79
C GLY A 249 -3.24 -0.37 8.68
N ARG A 250 -2.04 0.01 9.14
CA ARG A 250 -0.86 0.30 8.30
C ARG A 250 0.05 -0.89 8.05
N ILE A 251 0.78 -0.86 6.94
CA ILE A 251 1.76 -1.88 6.57
C ILE A 251 2.88 -1.00 6.07
N ALA A 252 4.04 -0.96 6.74
CA ALA A 252 5.23 -0.24 6.26
C ALA A 252 6.10 -1.26 5.57
N VAL A 253 6.25 -1.16 4.25
CA VAL A 253 7.07 -2.15 3.59
C VAL A 253 8.54 -1.81 3.67
N CYS A 254 9.19 -2.44 4.66
CA CYS A 254 10.64 -2.32 4.86
C CYS A 254 11.46 -3.08 3.82
N GLY A 255 11.04 -4.24 3.33
CA GLY A 255 11.80 -4.97 2.33
C GLY A 255 11.17 -6.32 2.04
N MET A 256 11.78 -7.08 1.12
CA MET A 256 11.19 -8.32 0.72
C MET A 256 12.27 -9.34 0.40
N ILE A 257 12.87 -9.98 1.45
CA ILE A 257 13.98 -10.93 1.26
C ILE A 257 13.48 -12.08 0.40
N SER A 258 12.23 -12.54 0.64
CA SER A 258 11.64 -13.63 -0.13
C SER A 258 11.36 -13.33 -1.59
N GLN A 259 11.91 -12.20 -2.11
CA GLN A 259 11.82 -11.73 -3.48
C GLN A 259 13.16 -11.40 -4.15
N TYR A 260 14.15 -10.96 -3.35
CA TYR A 260 15.43 -10.50 -3.90
C TYR A 260 16.19 -11.52 -4.72
N ASN A 261 15.93 -12.77 -4.35
CA ASN A 261 16.60 -13.93 -4.89
C ASN A 261 15.93 -14.75 -5.98
N LEU A 262 14.69 -14.45 -6.35
CA LEU A 262 14.02 -15.22 -7.38
C LEU A 262 14.25 -14.55 -8.72
N GLU A 263 14.33 -15.35 -9.79
CA GLU A 263 14.48 -14.78 -11.12
C GLU A 263 13.15 -14.69 -11.83
N ASN A 264 12.11 -14.75 -10.99
CA ASN A 264 10.69 -14.79 -11.28
C ASN A 264 9.97 -14.30 -10.02
N GLN A 265 9.58 -13.01 -9.91
CA GLN A 265 8.98 -12.50 -8.66
C GLN A 265 7.58 -12.99 -8.21
N GLU A 266 7.46 -13.58 -7.01
CA GLU A 266 6.22 -14.13 -6.46
C GLU A 266 5.05 -13.17 -6.47
N GLY A 267 3.91 -13.67 -6.96
CA GLY A 267 2.74 -12.83 -7.17
C GLY A 267 1.76 -12.72 -6.03
N VAL A 268 1.49 -11.51 -5.54
CA VAL A 268 0.52 -11.28 -4.46
C VAL A 268 -0.91 -11.12 -4.98
N HIS A 269 -1.89 -11.74 -4.32
CA HIS A 269 -3.30 -11.66 -4.77
C HIS A 269 -4.09 -10.59 -4.09
N ASN A 270 -4.54 -11.01 -2.91
CA ASN A 270 -5.28 -10.27 -1.90
C ASN A 270 -5.26 -8.76 -1.69
N LEU A 271 -4.73 -7.93 -2.64
CA LEU A 271 -4.62 -6.49 -2.44
C LEU A 271 -5.95 -5.79 -2.28
N SER A 272 -6.98 -6.36 -2.94
CA SER A 272 -8.39 -6.00 -2.93
C SER A 272 -8.88 -5.69 -1.54
N ASN A 273 -8.26 -6.34 -0.58
CA ASN A 273 -8.54 -6.11 0.80
C ASN A 273 -8.16 -4.74 1.29
N ILE A 274 -7.22 -4.03 0.65
CA ILE A 274 -6.87 -2.71 1.18
C ILE A 274 -7.98 -1.71 0.91
N ILE A 275 -8.88 -1.99 -0.01
CA ILE A 275 -10.05 -1.15 -0.20
C ILE A 275 -10.91 -1.23 1.07
N TYR A 276 -11.48 -2.40 1.34
CA TYR A 276 -12.40 -2.66 2.43
C TYR A 276 -11.78 -2.39 3.79
N LYS A 277 -10.53 -2.80 3.97
CA LYS A 277 -9.87 -2.59 5.24
C LYS A 277 -9.14 -1.26 5.41
N ARG A 278 -8.96 -0.45 4.36
CA ARG A 278 -8.30 0.87 4.34
C ARG A 278 -6.88 0.93 4.85
N ASN A 279 -6.04 0.27 4.03
CA ASN A 279 -4.64 0.11 4.31
C ASN A 279 -3.71 1.08 3.63
N ARG A 280 -2.93 1.76 4.46
CA ARG A 280 -1.78 2.48 3.95
C ARG A 280 -0.78 1.36 3.80
N ILE A 281 -0.03 1.34 2.72
CA ILE A 281 1.08 0.42 2.54
C ILE A 281 2.15 1.43 2.14
N GLN A 282 3.22 1.62 2.91
CA GLN A 282 4.20 2.63 2.54
C GLN A 282 5.67 2.20 2.48
N GLY A 283 6.21 1.97 1.30
CA GLY A 283 7.58 1.48 1.20
C GLY A 283 8.66 2.53 1.38
N PHE A 284 9.24 2.72 2.57
CA PHE A 284 10.34 3.68 2.79
C PHE A 284 11.76 3.26 2.40
N VAL A 285 12.72 4.09 2.79
CA VAL A 285 14.16 3.88 2.62
C VAL A 285 14.83 4.64 3.79
N VAL A 286 15.70 3.98 4.57
CA VAL A 286 16.32 4.55 5.76
C VAL A 286 17.09 5.87 5.55
N SER A 287 17.86 5.98 4.43
CA SER A 287 18.66 7.13 4.04
C SER A 287 18.04 8.48 4.35
N ASP A 288 16.78 8.51 3.90
CA ASP A 288 15.91 9.64 4.03
C ASP A 288 15.74 10.10 5.46
N PHE A 289 16.04 9.25 6.43
CA PHE A 289 15.84 9.67 7.80
C PHE A 289 17.12 9.98 8.55
N TYR A 290 18.30 9.90 7.91
CA TYR A 290 19.58 10.11 8.60
C TYR A 290 19.78 11.46 9.28
N ASP A 291 18.97 12.47 8.98
CA ASP A 291 19.05 13.76 9.63
C ASP A 291 18.48 13.64 11.02
N LYS A 292 17.74 12.53 11.20
CA LYS A 292 17.19 12.13 12.47
C LYS A 292 18.03 11.06 13.22
N TYR A 293 19.20 10.69 12.62
CA TYR A 293 20.14 9.72 13.14
C TYR A 293 20.57 10.05 14.54
N SER A 294 21.18 11.23 14.67
CA SER A 294 21.66 11.74 15.96
C SER A 294 20.60 11.90 17.06
N LYS A 295 19.31 11.77 16.71
CA LYS A 295 18.16 11.85 17.61
C LYS A 295 17.78 10.46 18.05
N PHE A 296 17.94 9.52 17.10
CA PHE A 296 17.79 8.10 17.38
C PHE A 296 18.86 7.74 18.41
N LEU A 297 20.14 8.00 18.06
CA LEU A 297 21.29 7.72 18.91
C LEU A 297 21.08 8.18 20.31
N GLU A 298 20.79 9.47 20.54
CA GLU A 298 20.54 9.99 21.88
C GLU A 298 19.26 9.48 22.57
N PHE A 299 18.43 8.74 21.83
CA PHE A 299 17.22 8.18 22.37
C PHE A 299 17.45 6.76 22.85
N VAL A 300 18.05 5.92 22.00
CA VAL A 300 18.26 4.52 22.37
C VAL A 300 19.44 4.31 23.27
N LEU A 301 20.53 5.06 23.07
CA LEU A 301 21.74 4.92 23.83
C LEU A 301 21.45 4.91 25.31
N PRO A 302 20.62 5.73 25.97
CA PRO A 302 20.17 5.46 27.33
C PRO A 302 19.55 4.09 27.59
N HIS A 303 18.80 3.50 26.68
CA HIS A 303 18.15 2.21 26.87
C HIS A 303 19.03 1.02 26.72
N ILE A 304 20.08 1.12 25.90
CA ILE A 304 20.93 -0.05 25.76
C ILE A 304 21.71 -0.23 27.05
N ARG A 305 22.51 0.76 27.45
CA ARG A 305 23.37 0.68 28.61
C ARG A 305 22.61 0.80 29.89
N GLU A 306 21.45 0.21 29.96
CA GLU A 306 20.58 0.34 31.10
C GLU A 306 19.83 -0.97 31.34
N GLY A 307 19.94 -1.72 30.21
CA GLY A 307 19.34 -2.99 29.96
C GLY A 307 17.88 -2.82 29.63
N LYS A 308 17.60 -2.18 28.47
CA LYS A 308 16.24 -1.98 28.00
C LYS A 308 16.24 -2.35 26.53
N ILE A 309 17.09 -1.78 25.70
CA ILE A 309 17.22 -2.33 24.37
C ILE A 309 18.33 -3.37 24.44
N THR A 310 18.26 -4.36 23.56
CA THR A 310 19.21 -5.46 23.48
C THR A 310 19.48 -5.73 22.03
N TYR A 311 20.38 -6.69 21.86
CA TYR A 311 20.79 -7.17 20.56
C TYR A 311 21.27 -8.59 20.65
N VAL A 312 21.40 -9.18 19.46
CA VAL A 312 21.87 -10.53 19.19
C VAL A 312 22.54 -10.46 17.81
N GLU A 313 23.83 -10.82 17.81
CA GLU A 313 24.55 -10.83 16.55
C GLU A 313 25.38 -12.08 16.33
N ASP A 314 25.14 -12.68 15.18
CA ASP A 314 25.86 -13.85 14.73
C ASP A 314 27.18 -13.28 14.23
N VAL A 315 28.27 -13.46 15.01
CA VAL A 315 29.59 -12.90 14.69
C VAL A 315 30.62 -13.84 14.06
N ALA A 316 30.83 -13.76 12.74
CA ALA A 316 31.87 -14.53 12.07
C ALA A 316 33.21 -13.88 12.34
N ASP A 317 34.31 -14.60 12.05
CA ASP A 317 35.65 -14.05 12.23
C ASP A 317 36.45 -14.18 10.95
N GLY A 318 36.76 -13.02 10.41
CA GLY A 318 37.59 -12.87 9.24
C GLY A 318 36.88 -12.81 7.92
N LEU A 319 37.55 -12.14 7.00
CA LEU A 319 37.09 -12.00 5.63
C LEU A 319 36.98 -13.31 4.87
N GLU A 320 37.74 -14.28 5.38
CA GLU A 320 37.80 -15.65 4.88
C GLU A 320 36.41 -16.23 5.06
N LYS A 321 35.91 -16.11 6.29
CA LYS A 321 34.60 -16.56 6.60
C LYS A 321 33.66 -15.35 6.52
N ALA A 322 33.55 -14.81 5.30
CA ALA A 322 32.62 -13.71 5.03
C ALA A 322 31.73 -13.99 3.81
N PRO A 323 32.13 -14.75 2.79
CA PRO A 323 31.24 -15.35 1.81
C PRO A 323 30.37 -16.43 2.39
N GLU A 324 30.93 -17.28 3.26
CA GLU A 324 30.14 -18.30 3.91
C GLU A 324 29.16 -17.62 4.83
N ALA A 325 29.42 -16.32 5.10
CA ALA A 325 28.54 -15.50 5.90
C ALA A 325 27.47 -14.71 5.16
N LEU A 326 27.78 -14.08 4.01
CA LEU A 326 26.78 -13.24 3.33
C LEU A 326 25.64 -14.13 2.86
N VAL A 327 26.05 -15.25 2.24
CA VAL A 327 25.19 -16.34 1.77
C VAL A 327 24.30 -16.83 2.91
N GLY A 328 24.84 -17.05 4.11
CA GLY A 328 24.08 -17.47 5.28
C GLY A 328 22.86 -16.62 5.62
N LEU A 329 22.73 -15.34 5.25
CA LEU A 329 21.53 -14.53 5.49
C LEU A 329 20.26 -15.01 4.80
N PHE A 330 20.50 -15.36 3.53
CA PHE A 330 19.48 -15.73 2.59
C PHE A 330 18.85 -17.10 2.78
N HIS A 331 19.47 -17.92 3.61
CA HIS A 331 18.86 -19.18 3.97
C HIS A 331 18.52 -18.99 5.42
N GLY A 332 19.43 -18.52 6.29
CA GLY A 332 19.03 -18.22 7.65
C GLY A 332 19.96 -18.80 8.68
N LYS A 333 21.23 -19.00 8.27
CA LYS A 333 22.31 -19.43 9.15
C LYS A 333 22.42 -18.40 10.26
N ASN A 334 22.40 -17.14 9.80
CA ASN A 334 22.49 -15.96 10.64
C ASN A 334 21.63 -15.93 11.90
N VAL A 335 22.18 -15.95 13.10
CA VAL A 335 21.33 -15.82 14.29
C VAL A 335 21.46 -14.42 14.83
N GLY A 336 20.53 -13.60 14.33
CA GLY A 336 20.47 -12.18 14.57
C GLY A 336 21.24 -11.48 13.46
N LYS A 337 21.92 -10.40 13.84
CA LYS A 337 22.63 -9.57 12.89
C LYS A 337 23.88 -10.29 12.39
N GLN A 338 24.06 -10.42 11.09
CA GLN A 338 25.31 -11.01 10.64
C GLN A 338 26.36 -9.92 10.49
N VAL A 339 27.36 -10.00 11.36
CA VAL A 339 28.49 -9.09 11.31
C VAL A 339 29.72 -9.91 10.89
N VAL A 340 30.85 -9.30 10.52
CA VAL A 340 32.02 -10.07 10.13
C VAL A 340 33.22 -9.44 10.81
N VAL A 341 33.85 -10.02 11.87
CA VAL A 341 35.01 -9.41 12.55
C VAL A 341 36.27 -9.40 11.70
N VAL A 342 36.77 -8.27 11.22
CA VAL A 342 37.96 -8.33 10.38
C VAL A 342 39.26 -7.84 11.04
N ALA A 343 39.16 -7.24 12.23
CA ALA A 343 40.29 -6.68 12.96
C ALA A 343 39.79 -6.46 14.37
N ARG A 344 40.43 -7.27 15.22
CA ARG A 344 40.00 -7.43 16.61
C ARG A 344 40.24 -6.31 17.60
N GLU A 345 41.30 -5.54 17.32
CA GLU A 345 41.81 -4.41 18.11
C GLU A 345 42.55 -4.82 19.36
N MET B 1 -55.29 1.79 1.85
CA MET B 1 -54.32 2.73 1.31
C MET B 1 -53.20 2.14 0.44
N THR B 2 -53.40 0.90 -0.02
CA THR B 2 -52.47 0.14 -0.85
C THR B 2 -52.11 0.66 -2.25
N ALA B 3 -50.82 0.50 -2.58
CA ALA B 3 -50.26 0.85 -3.89
C ALA B 3 -49.25 -0.21 -4.31
N THR B 4 -49.43 -0.82 -5.47
CA THR B 4 -48.60 -1.94 -5.88
C THR B 4 -47.19 -1.59 -6.35
N ASN B 5 -46.35 -1.86 -5.35
CA ASN B 5 -44.91 -1.70 -5.44
C ASN B 5 -44.14 -2.91 -5.90
N LYS B 6 -43.62 -2.81 -7.12
CA LYS B 6 -42.74 -3.85 -7.64
C LYS B 6 -41.36 -3.82 -6.95
N GLN B 7 -40.54 -4.85 -7.10
CA GLN B 7 -39.21 -4.98 -6.54
C GLN B 7 -38.33 -5.76 -7.49
N VAL B 8 -37.05 -5.89 -7.13
CA VAL B 8 -36.06 -6.72 -7.82
C VAL B 8 -35.29 -7.44 -6.72
N ILE B 9 -35.08 -8.77 -6.78
CA ILE B 9 -34.42 -9.51 -5.70
C ILE B 9 -33.26 -10.40 -6.15
N LEU B 10 -32.54 -10.92 -5.18
CA LEU B 10 -31.41 -11.81 -5.44
C LEU B 10 -31.83 -13.25 -5.12
N LYS B 11 -31.68 -14.18 -6.08
CA LYS B 11 -32.02 -15.59 -5.83
C LYS B 11 -31.06 -16.18 -4.81
N ASP B 12 -29.79 -16.12 -5.23
CA ASP B 12 -28.56 -16.61 -4.58
C ASP B 12 -27.29 -15.76 -4.79
N TYR B 13 -26.39 -15.99 -3.83
CA TYR B 13 -25.05 -15.42 -3.82
C TYR B 13 -24.37 -15.68 -5.14
N VAL B 14 -23.80 -14.65 -5.69
CA VAL B 14 -23.17 -14.81 -6.98
C VAL B 14 -21.77 -15.40 -6.91
N SER B 15 -21.39 -16.19 -7.93
CA SER B 15 -20.01 -16.67 -8.05
C SER B 15 -19.61 -16.32 -9.47
N GLY B 16 -18.67 -15.38 -9.53
CA GLY B 16 -18.23 -14.84 -10.79
C GLY B 16 -19.10 -13.64 -11.11
N PHE B 17 -19.27 -13.42 -12.41
CA PHE B 17 -20.10 -12.35 -12.91
C PHE B 17 -21.55 -12.62 -12.58
N PRO B 18 -22.29 -11.55 -12.32
CA PRO B 18 -23.74 -11.53 -12.42
C PRO B 18 -24.20 -11.67 -13.87
N THR B 19 -25.42 -12.20 -13.95
CA THR B 19 -26.17 -12.40 -15.18
C THR B 19 -27.56 -11.94 -14.82
N GLU B 20 -28.42 -11.77 -15.82
CA GLU B 20 -29.78 -11.32 -15.56
C GLU B 20 -30.56 -12.27 -14.66
N SER B 21 -30.16 -13.55 -14.74
CA SER B 21 -30.71 -14.64 -13.95
C SER B 21 -30.53 -14.56 -12.46
N ASP B 22 -29.42 -14.09 -11.84
CA ASP B 22 -29.25 -14.11 -10.39
C ASP B 22 -30.24 -13.24 -9.62
N PHE B 23 -31.11 -12.59 -10.40
CA PHE B 23 -32.15 -11.71 -9.90
C PHE B 23 -33.50 -12.09 -10.41
N ASP B 24 -34.45 -12.00 -9.48
CA ASP B 24 -35.83 -12.26 -9.79
C ASP B 24 -36.68 -11.00 -9.59
N PHE B 25 -37.96 -10.92 -9.97
CA PHE B 25 -38.66 -9.64 -9.82
C PHE B 25 -39.66 -9.43 -8.74
N THR B 26 -40.84 -10.02 -8.79
CA THR B 26 -41.91 -9.86 -7.83
C THR B 26 -42.48 -8.48 -7.48
N THR B 27 -43.73 -8.46 -6.98
CA THR B 27 -44.42 -7.24 -6.57
C THR B 27 -45.10 -7.40 -5.22
N THR B 28 -45.50 -6.25 -4.67
CA THR B 28 -46.12 -6.11 -3.36
C THR B 28 -47.09 -4.90 -3.35
N THR B 29 -47.76 -4.53 -2.23
CA THR B 29 -48.61 -3.36 -2.15
C THR B 29 -48.32 -2.62 -0.85
N VAL B 30 -47.57 -1.54 -0.98
CA VAL B 30 -47.25 -0.69 0.16
C VAL B 30 -48.44 0.15 0.53
N GLU B 31 -48.79 0.15 1.81
CA GLU B 31 -49.86 1.02 2.26
C GLU B 31 -49.30 2.44 2.45
N LEU B 32 -49.76 3.41 1.66
CA LEU B 32 -49.21 4.77 1.73
C LEU B 32 -49.60 5.58 2.95
N ARG B 33 -48.79 5.48 4.00
CA ARG B 33 -49.07 6.22 5.20
C ARG B 33 -47.82 6.52 6.01
N VAL B 34 -47.98 7.48 6.94
CA VAL B 34 -46.97 7.96 7.87
C VAL B 34 -46.25 6.89 8.69
N PRO B 35 -44.97 6.63 8.36
CA PRO B 35 -44.17 5.58 8.96
C PRO B 35 -43.67 5.92 10.36
N GLU B 36 -43.73 4.92 11.23
CA GLU B 36 -43.36 5.10 12.63
C GLU B 36 -42.22 4.21 13.11
N GLY B 37 -41.84 4.48 14.36
CA GLY B 37 -40.76 3.83 15.09
C GLY B 37 -39.66 4.81 15.49
N THR B 38 -38.69 4.89 14.58
CA THR B 38 -37.57 5.81 14.71
C THR B 38 -37.95 7.07 13.96
N ASN B 39 -37.04 7.72 13.26
CA ASN B 39 -37.38 8.88 12.49
C ASN B 39 -37.29 8.40 11.06
N SER B 40 -38.46 7.85 10.74
CA SER B 40 -38.70 7.12 9.50
C SER B 40 -39.53 7.89 8.45
N VAL B 41 -39.26 7.69 7.16
CA VAL B 41 -40.02 8.35 6.10
C VAL B 41 -40.36 7.37 4.97
N LEU B 42 -41.62 7.32 4.49
CA LEU B 42 -41.98 6.49 3.35
C LEU B 42 -41.56 7.25 2.12
N VAL B 43 -40.78 6.66 1.23
CA VAL B 43 -40.33 7.39 0.04
C VAL B 43 -40.77 6.76 -1.29
N LYS B 44 -40.45 7.37 -2.43
CA LYS B 44 -40.93 6.89 -3.69
C LYS B 44 -39.75 7.01 -4.60
N ASN B 45 -39.13 5.87 -4.85
CA ASN B 45 -37.87 5.86 -5.56
C ASN B 45 -37.86 6.31 -7.01
N LEU B 46 -37.60 7.59 -7.27
CA LEU B 46 -37.54 8.05 -8.64
C LEU B 46 -36.38 7.43 -9.36
N TYR B 47 -35.17 7.60 -8.85
CA TYR B 47 -34.00 7.00 -9.50
C TYR B 47 -33.29 5.99 -8.59
N LEU B 48 -32.38 5.28 -9.21
CA LEU B 48 -31.64 4.21 -8.60
C LEU B 48 -30.30 4.13 -9.35
N SER B 49 -29.28 3.63 -8.66
CA SER B 49 -27.93 3.59 -9.20
C SER B 49 -27.28 2.21 -9.28
N CYS B 50 -26.59 1.97 -10.42
CA CYS B 50 -25.77 0.79 -10.68
C CYS B 50 -24.31 1.13 -10.44
N ASP B 51 -23.78 0.85 -9.24
CA ASP B 51 -22.37 1.11 -8.94
C ASP B 51 -21.60 -0.19 -8.86
N PRO B 52 -20.39 -0.43 -9.37
CA PRO B 52 -19.77 -1.74 -9.23
C PRO B 52 -19.49 -2.31 -7.82
N TYR B 53 -19.77 -1.63 -6.70
CA TYR B 53 -19.61 -2.20 -5.34
C TYR B 53 -20.57 -3.37 -4.96
N MET B 54 -21.69 -3.24 -5.67
CA MET B 54 -22.82 -4.15 -5.51
C MET B 54 -22.44 -5.60 -5.82
N ARG B 55 -21.42 -5.85 -6.65
CA ARG B 55 -20.90 -7.18 -6.86
C ARG B 55 -20.19 -7.74 -5.62
N ILE B 56 -19.38 -6.97 -4.86
CA ILE B 56 -18.85 -7.56 -3.64
C ILE B 56 -20.00 -7.61 -2.66
N ARG B 57 -21.12 -6.90 -2.87
CA ARG B 57 -22.21 -7.15 -1.89
C ARG B 57 -23.17 -8.27 -2.36
N MET B 58 -22.92 -8.84 -3.54
CA MET B 58 -23.69 -9.94 -4.08
C MET B 58 -23.07 -11.30 -3.78
N GLY B 59 -21.74 -11.34 -3.65
CA GLY B 59 -21.02 -12.56 -3.28
C GLY B 59 -21.27 -13.06 -1.84
N LYS B 60 -20.94 -14.35 -1.71
CA LYS B 60 -21.01 -15.15 -0.49
C LYS B 60 -20.14 -14.59 0.66
N PRO B 61 -20.67 -14.35 1.88
CA PRO B 61 -20.09 -13.47 2.90
C PRO B 61 -18.69 -13.62 3.56
N ASP B 62 -17.59 -13.12 2.96
CA ASP B 62 -16.28 -13.12 3.62
C ASP B 62 -16.25 -11.98 4.63
N PRO B 63 -15.56 -12.09 5.78
CA PRO B 63 -15.19 -10.96 6.63
C PRO B 63 -14.43 -9.83 5.95
N SER B 64 -13.54 -10.18 5.01
CA SER B 64 -12.75 -9.20 4.26
C SER B 64 -13.61 -8.19 3.50
N THR B 65 -14.62 -8.76 2.84
CA THR B 65 -15.64 -8.06 2.07
C THR B 65 -16.74 -7.54 2.99
N ALA B 66 -16.86 -8.10 4.20
CA ALA B 66 -17.86 -7.68 5.16
C ALA B 66 -17.51 -6.34 5.79
N ALA B 67 -16.39 -5.79 5.31
CA ALA B 67 -15.96 -4.49 5.72
C ALA B 67 -16.17 -3.52 4.56
N LEU B 68 -17.43 -3.30 4.16
CA LEU B 68 -17.73 -2.37 3.08
C LEU B 68 -19.12 -1.77 3.24
CA ALA B 69 -20.45 -4.82 3.35
C ALA B 69 -21.58 -5.59 3.98
N GLN B 70 -21.30 -6.89 3.97
CA GLN B 70 -22.17 -7.99 4.36
C GLN B 70 -23.33 -8.10 3.40
N ALA B 71 -23.09 -9.08 2.51
CA ALA B 71 -23.96 -9.44 1.41
C ALA B 71 -25.46 -9.37 1.61
N TYR B 72 -26.11 -9.15 0.46
CA TYR B 72 -27.55 -8.95 0.34
C TYR B 72 -28.24 -10.25 0.73
N THR B 73 -29.11 -10.25 1.75
CA THR B 73 -29.81 -11.44 2.25
C THR B 73 -30.65 -12.06 1.12
N PRO B 74 -30.20 -13.20 0.54
CA PRO B 74 -30.63 -13.72 -0.74
C PRO B 74 -32.11 -14.07 -0.64
N GLY B 75 -32.95 -13.41 -1.44
CA GLY B 75 -34.39 -13.64 -1.35
C GLY B 75 -35.13 -12.34 -1.14
N GLN B 76 -34.75 -11.51 -0.13
CA GLN B 76 -35.35 -10.18 -0.05
C GLN B 76 -34.59 -9.31 -1.05
N PRO B 77 -35.15 -8.18 -1.52
CA PRO B 77 -34.52 -7.26 -2.46
C PRO B 77 -33.07 -6.78 -2.23
N ILE B 78 -32.59 -6.19 -3.33
CA ILE B 78 -31.25 -5.64 -3.42
C ILE B 78 -31.24 -4.28 -2.76
N GLN B 79 -30.21 -3.94 -1.96
CA GLN B 79 -30.10 -2.61 -1.39
C GLN B 79 -29.07 -1.80 -2.21
N GLY B 80 -29.41 -0.52 -2.51
CA GLY B 80 -28.58 0.38 -3.32
C GLY B 80 -28.91 1.87 -3.24
N TYR B 81 -28.07 2.66 -3.93
CA TYR B 81 -28.18 4.12 -3.97
C TYR B 81 -29.19 4.69 -4.94
N GLY B 82 -30.17 5.43 -4.46
CA GLY B 82 -31.11 6.05 -5.38
C GLY B 82 -31.72 7.35 -4.85
N VAL B 83 -32.34 8.13 -5.77
CA VAL B 83 -32.99 9.44 -5.47
C VAL B 83 -34.43 9.16 -5.14
N SER B 84 -35.02 9.90 -4.20
CA SER B 84 -36.34 9.54 -3.76
C SER B 84 -37.03 10.76 -3.23
N ARG B 85 -38.37 10.72 -3.34
CA ARG B 85 -39.25 11.79 -2.98
C ARG B 85 -40.03 11.35 -1.75
N ILE B 86 -40.13 12.16 -0.70
CA ILE B 86 -40.84 11.78 0.52
C ILE B 86 -42.36 11.76 0.36
N ILE B 87 -42.93 10.55 0.33
CA ILE B 87 -44.35 10.35 0.31
C ILE B 87 -44.89 10.47 1.73
N GLU B 88 -44.21 10.27 2.88
CA GLU B 88 -44.81 10.64 4.17
C GLU B 88 -43.86 11.04 5.30
N SER B 89 -44.45 11.85 6.18
CA SER B 89 -43.84 12.57 7.31
C SER B 89 -42.80 11.82 8.10
N GLY B 90 -43.23 11.20 9.22
CA GLY B 90 -42.42 10.39 10.13
C GLY B 90 -41.32 11.10 10.92
N HIS B 91 -40.56 11.96 10.25
CA HIS B 91 -39.41 12.68 10.80
C HIS B 91 -39.31 14.20 10.59
N PRO B 92 -38.87 14.92 11.65
CA PRO B 92 -38.45 16.33 11.67
C PRO B 92 -37.86 17.06 10.48
N ASP B 93 -36.69 16.67 9.98
CA ASP B 93 -36.06 17.36 8.85
C ASP B 93 -36.60 16.86 7.54
N TYR B 94 -37.69 16.09 7.52
CA TYR B 94 -38.26 15.61 6.26
C TYR B 94 -39.74 15.77 6.14
N LYS B 95 -39.99 16.79 5.32
CA LYS B 95 -41.33 17.25 4.96
C LYS B 95 -41.86 16.37 3.85
N LYS B 96 -43.19 16.30 3.71
CA LYS B 96 -43.74 15.41 2.73
C LYS B 96 -43.74 15.90 1.28
N GLY B 97 -43.02 16.97 0.93
CA GLY B 97 -42.80 17.36 -0.46
C GLY B 97 -41.39 16.98 -0.91
N ASP B 98 -40.50 16.83 0.10
CA ASP B 98 -39.06 16.61 0.07
C ASP B 98 -38.36 15.59 -0.79
N LEU B 99 -37.03 15.70 -0.90
CA LEU B 99 -36.29 14.89 -1.87
C LEU B 99 -34.83 14.59 -1.48
N LEU B 100 -34.56 13.37 -1.01
CA LEU B 100 -33.24 12.90 -0.61
C LEU B 100 -32.61 11.97 -1.61
N TRP B 101 -31.35 11.64 -1.34
CA TRP B 101 -30.61 10.60 -2.02
C TRP B 101 -29.95 9.79 -0.93
N GLY B 102 -29.60 8.55 -1.26
CA GLY B 102 -29.03 7.67 -0.24
C GLY B 102 -29.26 6.18 -0.53
N ILE B 103 -29.41 5.36 0.53
CA ILE B 103 -29.54 3.93 0.35
C ILE B 103 -30.93 3.42 0.73
N VAL B 104 -31.48 3.14 -0.44
CA VAL B 104 -32.82 2.66 -0.60
C VAL B 104 -32.81 1.25 -1.16
N ALA B 105 -33.91 0.49 -1.11
CA ALA B 105 -33.94 -0.77 -1.83
C ALA B 105 -34.19 -0.65 -3.34
N TRP B 106 -34.05 -1.75 -4.09
CA TRP B 106 -34.41 -1.73 -5.51
C TRP B 106 -35.89 -2.00 -5.65
N GLU B 107 -36.69 -1.03 -5.23
CA GLU B 107 -38.12 -1.18 -5.24
C GLU B 107 -38.80 0.15 -5.41
N GLU B 108 -40.04 0.02 -5.91
CA GLU B 108 -40.87 1.17 -6.17
C GLU B 108 -41.17 2.12 -5.02
N TYR B 109 -41.48 1.62 -3.85
CA TYR B 109 -41.82 2.46 -2.74
C TYR B 109 -41.04 2.08 -1.48
N SER B 110 -39.81 2.56 -1.33
CA SER B 110 -39.04 2.26 -0.14
C SER B 110 -39.47 3.01 1.13
N VAL B 111 -39.15 2.48 2.31
CA VAL B 111 -39.35 3.21 3.55
C VAL B 111 -37.95 3.33 4.11
N ILE B 112 -37.49 4.49 4.57
CA ILE B 112 -36.14 4.55 5.08
C ILE B 112 -36.04 5.31 6.40
N THR B 113 -35.02 4.98 7.20
CA THR B 113 -34.75 5.74 8.41
C THR B 113 -33.47 6.50 8.09
N PRO B 114 -33.51 7.82 7.83
CA PRO B 114 -32.40 8.60 7.31
C PRO B 114 -31.19 8.84 8.21
N MET B 115 -30.14 8.03 8.07
CA MET B 115 -28.92 8.20 8.88
C MET B 115 -27.93 9.15 8.25
N THR B 116 -27.21 9.85 9.12
CA THR B 116 -26.31 10.93 8.72
C THR B 116 -25.33 10.67 7.57
N HIS B 117 -24.72 9.49 7.39
CA HIS B 117 -23.88 9.22 6.21
C HIS B 117 -24.39 7.98 5.45
N ALA B 118 -25.71 8.10 5.33
CA ALA B 118 -26.57 7.20 4.59
C ALA B 118 -27.45 8.02 3.65
N HIS B 119 -28.33 8.83 4.28
CA HIS B 119 -29.32 9.63 3.60
C HIS B 119 -29.12 11.11 3.64
N PHE B 120 -29.06 11.66 2.42
CA PHE B 120 -28.77 13.08 2.20
C PHE B 120 -29.82 13.88 1.43
N LYS B 121 -30.36 14.90 2.08
CA LYS B 121 -31.37 15.77 1.50
C LYS B 121 -30.86 16.63 0.36
N ILE B 122 -31.60 16.56 -0.76
CA ILE B 122 -31.33 17.40 -1.92
C ILE B 122 -31.96 18.71 -1.55
N GLN B 123 -31.21 19.76 -1.85
CA GLN B 123 -31.70 21.11 -1.68
C GLN B 123 -31.70 21.77 -3.04
N HIS B 124 -30.70 21.50 -3.88
CA HIS B 124 -30.53 22.17 -5.16
C HIS B 124 -31.15 21.51 -6.38
N THR B 125 -32.07 22.30 -6.99
CA THR B 125 -32.75 21.95 -8.25
C THR B 125 -32.60 23.08 -9.26
N ASP B 126 -31.77 22.67 -10.20
CA ASP B 126 -31.24 23.40 -11.33
C ASP B 126 -30.36 22.46 -12.16
N VAL B 127 -30.28 21.26 -11.57
CA VAL B 127 -29.55 20.10 -12.03
C VAL B 127 -30.48 18.92 -12.08
N PRO B 128 -30.35 18.03 -13.05
CA PRO B 128 -31.09 16.77 -13.15
C PRO B 128 -31.13 15.91 -11.90
N LEU B 129 -32.27 15.36 -11.41
CA LEU B 129 -32.23 14.52 -10.21
C LEU B 129 -31.38 13.26 -10.40
N SER B 130 -31.19 12.77 -11.63
CA SER B 130 -30.27 11.68 -11.88
C SER B 130 -28.81 12.03 -11.59
N TYR B 131 -28.55 13.30 -11.24
CA TYR B 131 -27.20 13.71 -10.90
C TYR B 131 -26.93 13.36 -9.44
N TYR B 132 -27.95 13.10 -8.67
CA TYR B 132 -27.65 12.73 -7.32
C TYR B 132 -27.30 11.26 -7.08
N THR B 133 -27.01 10.55 -8.20
CA THR B 133 -26.54 9.17 -8.21
C THR B 133 -25.22 9.08 -8.94
N GLY B 134 -24.73 10.21 -9.41
CA GLY B 134 -23.42 10.33 -10.00
C GLY B 134 -22.76 11.54 -9.37
N LEU B 135 -22.39 12.49 -10.24
CA LEU B 135 -21.74 13.74 -9.90
C LEU B 135 -22.10 14.42 -8.59
N LEU B 136 -23.34 14.60 -8.20
CA LEU B 136 -23.63 15.27 -6.95
C LEU B 136 -23.78 14.34 -5.79
N GLY B 137 -23.62 13.05 -6.06
CA GLY B 137 -23.74 12.09 -4.99
C GLY B 137 -22.45 11.35 -4.69
N MET B 138 -22.68 10.10 -4.34
CA MET B 138 -21.63 9.22 -3.89
C MET B 138 -20.51 9.08 -4.92
N PRO B 139 -20.66 8.69 -6.18
CA PRO B 139 -19.53 8.46 -7.07
C PRO B 139 -18.81 9.75 -7.37
N GLY B 140 -19.51 10.85 -7.05
CA GLY B 140 -18.99 12.19 -7.16
C GLY B 140 -18.11 12.52 -5.97
N MET B 141 -18.59 12.07 -4.80
CA MET B 141 -17.89 12.21 -3.53
C MET B 141 -16.60 11.42 -3.49
N THR B 142 -16.51 10.35 -4.28
CA THR B 142 -15.31 9.53 -4.41
C THR B 142 -14.22 10.30 -5.09
N ALA B 143 -14.45 10.87 -6.27
CA ALA B 143 -13.42 11.53 -7.05
C ALA B 143 -12.84 12.77 -6.42
N TYR B 144 -13.62 13.26 -5.47
CA TYR B 144 -13.30 14.45 -4.75
C TYR B 144 -12.47 14.12 -3.56
N ALA B 145 -12.98 13.11 -2.83
CA ALA B 145 -12.35 12.65 -1.61
C ALA B 145 -11.17 11.77 -1.93
N GLY B 146 -11.13 11.08 -3.05
CA GLY B 146 -10.04 10.19 -3.36
C GLY B 146 -8.87 10.86 -4.02
N PHE B 147 -9.10 12.00 -4.64
CA PHE B 147 -8.03 12.68 -5.33
C PHE B 147 -7.55 13.86 -4.52
N TYR B 148 -8.39 14.56 -3.75
CA TYR B 148 -7.85 15.68 -2.99
C TYR B 148 -7.25 15.27 -1.65
N GLU B 149 -7.90 14.36 -0.91
CA GLU B 149 -7.45 14.00 0.42
C GLU B 149 -6.79 12.63 0.42
N VAL B 150 -6.38 12.11 -0.74
CA VAL B 150 -5.80 10.80 -0.81
C VAL B 150 -4.71 10.97 -1.81
N CYS B 151 -4.80 11.08 -3.14
CA CYS B 151 -3.60 11.23 -3.97
C CYS B 151 -2.61 12.36 -3.68
N SER B 152 -2.93 13.26 -2.74
CA SER B 152 -2.20 14.49 -2.40
C SER B 152 -1.41 15.09 -3.55
N PRO B 153 -2.14 15.68 -4.50
CA PRO B 153 -1.60 16.11 -5.78
C PRO B 153 -1.01 17.47 -5.57
N LYS B 154 -0.01 17.69 -6.37
CA LYS B 154 0.63 18.99 -6.44
C LYS B 154 0.50 19.43 -7.90
N GLU B 155 0.23 20.73 -8.10
CA GLU B 155 0.04 21.25 -9.44
C GLU B 155 1.21 20.87 -10.33
N GLY B 156 0.93 20.54 -11.58
CA GLY B 156 1.94 20.11 -12.53
C GLY B 156 2.09 18.60 -12.57
N GLU B 157 1.63 17.83 -11.59
CA GLU B 157 1.93 16.41 -11.55
C GLU B 157 1.22 15.58 -12.57
N THR B 158 2.01 14.60 -13.02
CA THR B 158 1.60 13.61 -13.99
C THR B 158 0.51 12.77 -13.36
N VAL B 159 -0.56 12.36 -14.05
CA VAL B 159 -1.60 11.57 -13.41
C VAL B 159 -2.13 10.54 -14.38
N TYR B 160 -2.40 9.36 -13.84
CA TYR B 160 -3.07 8.37 -14.62
C TYR B 160 -4.26 7.92 -13.81
N VAL B 161 -5.37 7.85 -14.53
CA VAL B 161 -6.58 7.33 -13.94
C VAL B 161 -7.10 6.17 -14.76
N SER B 162 -7.78 5.18 -14.16
CA SER B 162 -8.31 4.07 -14.91
C SER B 162 -9.78 3.84 -14.64
N ALA B 163 -10.43 3.25 -15.66
CA ALA B 163 -11.89 3.15 -15.80
C ALA B 163 -12.45 4.60 -15.77
N ALA B 164 -11.73 5.29 -16.70
CA ALA B 164 -11.77 6.72 -16.96
C ALA B 164 -13.04 7.28 -17.59
N SER B 165 -13.95 6.35 -17.97
CA SER B 165 -15.29 6.59 -18.48
C SER B 165 -16.32 5.86 -17.63
N GLY B 166 -16.50 6.55 -16.51
CA GLY B 166 -17.47 6.14 -15.55
C GLY B 166 -17.45 7.23 -14.54
N ALA B 167 -18.54 7.30 -13.81
CA ALA B 167 -18.78 8.27 -12.76
C ALA B 167 -17.64 8.83 -11.93
N VAL B 168 -16.58 8.07 -11.70
CA VAL B 168 -15.45 8.53 -10.94
C VAL B 168 -14.34 8.97 -11.89
N GLY B 169 -13.74 8.11 -12.67
CA GLY B 169 -12.61 8.48 -13.54
C GLY B 169 -12.82 9.61 -14.56
N GLN B 170 -13.98 10.22 -14.67
CA GLN B 170 -14.13 11.31 -15.63
C GLN B 170 -14.23 12.62 -14.88
N LEU B 171 -14.68 12.55 -13.63
CA LEU B 171 -14.66 13.72 -12.78
C LEU B 171 -13.28 13.78 -12.13
N VAL B 172 -12.61 12.65 -11.89
CA VAL B 172 -11.25 12.73 -11.35
C VAL B 172 -10.41 13.51 -12.33
N GLY B 173 -10.38 13.08 -13.60
CA GLY B 173 -9.56 13.70 -14.61
C GLY B 173 -9.79 15.21 -14.77
N GLN B 174 -10.97 15.69 -14.38
CA GLN B 174 -11.25 17.10 -14.49
C GLN B 174 -10.74 17.77 -13.25
N LEU B 175 -10.98 17.27 -12.02
CA LEU B 175 -10.41 17.83 -10.79
C LEU B 175 -8.90 17.82 -10.90
N ALA B 176 -8.39 16.81 -11.60
CA ALA B 176 -7.00 16.70 -11.97
C ALA B 176 -6.73 17.91 -12.84
N LYS B 177 -7.10 18.01 -14.13
CA LYS B 177 -6.94 19.19 -14.98
C LYS B 177 -7.11 20.57 -14.36
N MET B 178 -8.05 20.73 -13.41
CA MET B 178 -8.22 22.00 -12.73
C MET B 178 -7.05 22.46 -11.90
N MET B 179 -5.93 21.75 -12.04
CA MET B 179 -4.69 22.19 -11.45
C MET B 179 -3.51 21.74 -12.30
N GLY B 180 -3.71 21.85 -13.58
CA GLY B 180 -2.63 21.76 -14.53
C GLY B 180 -1.87 20.49 -14.56
N CYS B 181 -2.47 19.42 -13.99
CA CYS B 181 -1.87 18.10 -14.00
C CYS B 181 -1.86 17.45 -15.37
N TYR B 182 -1.16 16.34 -15.56
CA TYR B 182 -1.12 15.76 -16.88
C TYR B 182 -1.94 14.48 -16.84
N VAL B 183 -3.28 14.63 -16.68
CA VAL B 183 -4.15 13.47 -16.75
C VAL B 183 -4.27 12.85 -18.11
N VAL B 184 -3.95 11.56 -18.04
CA VAL B 184 -4.16 10.60 -19.09
C VAL B 184 -5.17 9.61 -18.50
N GLY B 185 -5.99 9.01 -19.37
CA GLY B 185 -6.95 7.96 -18.99
C GLY B 185 -6.84 6.66 -19.81
N SER B 186 -7.72 5.70 -19.49
CA SER B 186 -7.85 4.43 -20.22
C SER B 186 -9.28 3.94 -20.10
N ALA B 187 -9.60 3.25 -21.19
CA ALA B 187 -10.87 2.58 -21.33
C ALA B 187 -10.79 1.56 -22.46
N GLY B 188 -11.74 0.61 -22.49
CA GLY B 188 -11.77 -0.45 -23.46
C GLY B 188 -12.42 -0.09 -24.80
N SER B 189 -13.49 0.70 -24.83
CA SER B 189 -14.15 1.01 -26.09
C SER B 189 -13.43 2.05 -26.93
N LYS B 190 -13.40 1.72 -28.22
CA LYS B 190 -12.81 2.57 -29.26
C LYS B 190 -13.42 3.96 -29.24
N GLU B 191 -14.65 4.10 -28.75
CA GLU B 191 -15.29 5.38 -28.69
C GLU B 191 -15.23 5.94 -27.31
N LYS B 192 -15.00 5.09 -26.32
CA LYS B 192 -14.98 5.56 -24.95
C LYS B 192 -13.75 6.41 -24.69
N VAL B 193 -12.67 6.03 -25.40
CA VAL B 193 -11.43 6.77 -25.35
C VAL B 193 -11.68 8.11 -26.04
N ASP B 194 -12.55 8.19 -27.05
CA ASP B 194 -12.86 9.49 -27.63
C ASP B 194 -13.64 10.42 -26.71
N LEU B 195 -14.31 9.98 -25.64
CA LEU B 195 -14.92 10.97 -24.78
C LEU B 195 -13.85 11.56 -23.84
N LEU B 196 -12.80 10.77 -23.54
CA LEU B 196 -11.67 11.17 -22.71
C LEU B 196 -10.81 12.22 -23.38
N LYS B 197 -10.50 11.91 -24.63
CA LYS B 197 -9.73 12.81 -25.43
C LYS B 197 -10.40 14.13 -25.74
N THR B 198 -11.72 14.11 -26.03
CA THR B 198 -12.41 15.32 -26.44
C THR B 198 -13.27 15.84 -25.30
N LYS B 199 -14.47 15.28 -25.09
CA LYS B 199 -15.52 15.66 -24.12
C LYS B 199 -15.06 15.87 -22.69
N PHE B 200 -14.30 14.94 -22.09
CA PHE B 200 -13.90 15.11 -20.69
C PHE B 200 -12.65 15.92 -20.42
N GLY B 201 -11.63 15.88 -21.30
CA GLY B 201 -10.49 16.74 -21.09
C GLY B 201 -9.15 16.07 -21.22
N PHE B 202 -8.99 14.81 -20.86
CA PHE B 202 -7.70 14.12 -20.78
C PHE B 202 -6.69 14.41 -21.87
N ASP B 203 -5.44 14.64 -21.51
CA ASP B 203 -4.41 14.91 -22.48
C ASP B 203 -4.10 13.76 -23.42
N ASP B 204 -4.40 12.54 -23.00
CA ASP B 204 -4.20 11.32 -23.82
C ASP B 204 -5.01 10.26 -23.11
N ALA B 205 -5.25 9.16 -23.81
CA ALA B 205 -5.95 7.99 -23.27
C ALA B 205 -5.78 6.83 -24.21
N PHE B 206 -6.03 5.65 -23.70
CA PHE B 206 -5.92 4.50 -24.55
C PHE B 206 -6.90 3.44 -24.18
N ASN B 207 -6.92 2.64 -25.22
CA ASN B 207 -7.78 1.50 -25.30
C ASN B 207 -6.93 0.34 -24.83
N TYR B 208 -7.14 -0.04 -23.57
CA TYR B 208 -6.32 -1.11 -23.01
C TYR B 208 -6.47 -2.47 -23.70
N LYS B 209 -7.63 -2.65 -24.34
CA LYS B 209 -7.99 -3.85 -25.07
C LYS B 209 -7.40 -3.84 -26.47
N GLU B 210 -7.24 -2.69 -27.12
CA GLU B 210 -6.52 -2.69 -28.38
C GLU B 210 -5.03 -2.76 -28.04
N GLU B 211 -4.64 -2.50 -26.77
CA GLU B 211 -3.25 -2.50 -26.29
C GLU B 211 -2.74 -3.79 -25.66
N SER B 212 -1.66 -4.27 -26.29
CA SER B 212 -1.04 -5.53 -25.93
C SER B 212 0.04 -5.53 -24.86
N ASP B 213 1.20 -4.85 -24.99
CA ASP B 213 2.10 -4.79 -23.84
C ASP B 213 1.58 -3.58 -23.11
N LEU B 214 0.80 -3.83 -22.06
CA LEU B 214 0.16 -2.77 -21.28
C LEU B 214 1.13 -1.66 -20.83
N THR B 215 2.22 -2.10 -20.20
CA THR B 215 3.31 -1.27 -19.71
C THR B 215 3.99 -0.49 -20.83
N ALA B 216 4.07 -1.00 -22.06
CA ALA B 216 4.63 -0.23 -23.16
C ALA B 216 3.83 1.02 -23.35
N ALA B 217 2.48 0.85 -23.30
CA ALA B 217 1.56 1.96 -23.42
C ALA B 217 1.74 2.99 -22.31
N LEU B 218 1.79 2.62 -21.01
CA LEU B 218 2.01 3.63 -19.98
C LEU B 218 3.38 4.30 -20.05
N LYS B 219 4.33 3.57 -20.60
CA LYS B 219 5.64 4.10 -20.91
C LYS B 219 5.55 5.14 -22.05
N ARG B 220 4.57 5.04 -22.98
CA ARG B 220 4.37 6.05 -24.02
C ARG B 220 3.66 7.28 -23.51
N CYS B 221 2.46 7.12 -22.94
CA CYS B 221 1.70 8.23 -22.39
C CYS B 221 2.51 9.09 -21.42
N PHE B 222 3.17 8.48 -20.42
CA PHE B 222 4.04 9.20 -19.51
C PHE B 222 5.47 8.82 -19.83
N PRO B 223 6.16 9.54 -20.70
CA PRO B 223 7.60 9.45 -20.90
C PRO B 223 8.39 9.88 -19.68
N ASN B 224 7.72 10.65 -18.80
CA ASN B 224 8.38 11.01 -17.56
C ASN B 224 7.68 10.44 -16.32
N GLY B 225 7.21 9.19 -16.46
CA GLY B 225 6.70 8.41 -15.34
C GLY B 225 5.43 8.94 -14.71
N ILE B 226 4.87 8.19 -13.74
CA ILE B 226 3.55 8.51 -13.20
C ILE B 226 3.57 8.92 -11.75
N ASP B 227 3.28 10.18 -11.46
CA ASP B 227 3.32 10.57 -10.07
C ASP B 227 2.16 10.00 -9.30
N ILE B 228 0.93 10.31 -9.69
CA ILE B 228 -0.29 9.88 -8.99
C ILE B 228 -0.89 8.68 -9.71
N TYR B 229 -1.72 7.84 -9.05
CA TYR B 229 -2.49 6.82 -9.75
C TYR B 229 -3.83 6.54 -9.11
N PHE B 230 -4.87 6.89 -9.83
CA PHE B 230 -6.20 6.57 -9.35
C PHE B 230 -6.58 5.23 -10.01
N GLU B 231 -7.13 4.35 -9.17
CA GLU B 231 -7.38 3.01 -9.63
C GLU B 231 -8.76 2.47 -9.38
N ASN B 232 -9.48 2.23 -10.49
CA ASN B 232 -10.80 1.62 -10.35
C ASN B 232 -10.84 0.13 -10.80
N VAL B 233 -9.65 -0.33 -11.24
CA VAL B 233 -9.32 -1.63 -11.85
C VAL B 233 -8.42 -2.70 -11.19
N GLY B 234 -7.10 -2.57 -11.01
CA GLY B 234 -6.29 -3.67 -10.47
C GLY B 234 -5.78 -4.71 -11.47
N GLY B 235 -5.04 -5.60 -10.82
CA GLY B 235 -4.39 -6.74 -11.44
C GLY B 235 -3.23 -6.29 -12.29
N LYS B 236 -3.28 -6.76 -13.52
CA LYS B 236 -2.30 -6.47 -14.56
C LYS B 236 -2.04 -4.96 -14.80
N MET B 237 -2.89 -4.07 -14.28
CA MET B 237 -2.73 -2.62 -14.44
C MET B 237 -1.75 -2.08 -13.43
N LEU B 238 -2.09 -2.34 -12.18
CA LEU B 238 -1.25 -1.99 -11.07
C LEU B 238 0.17 -2.47 -11.28
N ASP B 239 0.45 -3.58 -11.96
CA ASP B 239 1.84 -3.90 -12.22
C ASP B 239 2.54 -3.07 -13.27
N ALA B 240 1.79 -2.56 -14.25
CA ALA B 240 2.39 -1.67 -15.24
C ALA B 240 2.65 -0.29 -14.63
N VAL B 241 1.67 0.20 -13.85
CA VAL B 241 1.78 1.47 -13.16
C VAL B 241 2.97 1.41 -12.22
N LEU B 242 3.04 0.48 -11.24
CA LEU B 242 4.19 0.26 -10.34
C LEU B 242 5.53 0.26 -11.08
N VAL B 243 5.65 -0.22 -12.33
CA VAL B 243 6.89 -0.12 -13.08
C VAL B 243 7.09 1.33 -13.44
N ASN B 244 6.06 1.91 -14.07
CA ASN B 244 6.17 3.26 -14.62
C ASN B 244 6.16 4.38 -13.64
N MET B 245 5.67 4.15 -12.41
CA MET B 245 5.62 5.17 -11.37
C MET B 245 6.89 5.95 -11.16
N ASN B 246 6.68 7.08 -10.52
CA ASN B 246 7.80 7.91 -10.10
C ASN B 246 7.92 7.72 -8.64
N MET B 247 9.01 8.32 -8.20
CA MET B 247 9.37 8.35 -6.81
C MET B 247 8.41 9.23 -6.12
N HIS B 248 8.26 8.82 -4.87
CA HIS B 248 7.25 9.36 -4.01
C HIS B 248 5.86 9.33 -4.68
N GLY B 249 5.70 8.41 -5.63
CA GLY B 249 4.45 8.19 -6.33
C GLY B 249 3.43 7.75 -5.31
N ARG B 250 2.18 8.04 -5.61
CA ARG B 250 1.10 7.67 -4.72
C ARG B 250 0.04 6.98 -5.54
N ILE B 251 -0.75 6.13 -4.85
CA ILE B 251 -1.79 5.31 -5.45
C ILE B 251 -3.04 5.36 -4.59
N ALA B 252 -4.19 5.68 -5.22
CA ALA B 252 -5.47 5.61 -4.52
C ALA B 252 -6.29 4.48 -5.11
N VAL B 253 -6.59 3.63 -4.16
CA VAL B 253 -7.30 2.45 -4.50
C VAL B 253 -8.72 2.63 -4.01
N CYS B 254 -9.38 2.88 -5.12
CA CYS B 254 -10.80 3.08 -5.11
C CYS B 254 -11.44 1.68 -5.22
N GLY B 255 -10.99 0.98 -6.27
CA GLY B 255 -11.58 -0.29 -6.59
C GLY B 255 -10.71 -1.04 -7.54
N MET B 256 -11.01 -2.32 -7.57
CA MET B 256 -10.28 -3.18 -8.47
C MET B 256 -11.22 -4.07 -9.27
N ILE B 257 -12.29 -3.53 -9.88
CA ILE B 257 -13.17 -4.38 -10.68
C ILE B 257 -12.42 -4.94 -11.84
N SER B 258 -12.12 -6.20 -11.58
CA SER B 258 -11.48 -7.17 -12.46
C SER B 258 -11.48 -8.37 -11.55
N GLN B 259 -10.94 -8.08 -10.39
CA GLN B 259 -10.74 -9.00 -9.31
C GLN B 259 -12.03 -9.42 -8.70
N TYR B 260 -12.99 -8.50 -8.70
CA TYR B 260 -14.29 -8.63 -8.09
C TYR B 260 -15.12 -9.84 -8.55
N ASN B 261 -15.14 -10.18 -9.85
CA ASN B 261 -15.87 -11.32 -10.43
C ASN B 261 -14.92 -12.48 -10.74
N LEU B 262 -13.86 -12.51 -9.96
CA LEU B 262 -12.90 -13.60 -10.03
C LEU B 262 -13.06 -14.35 -8.74
N GLU B 263 -13.05 -15.64 -9.02
CA GLU B 263 -13.09 -16.66 -8.00
C GLU B 263 -11.66 -16.84 -7.50
N ASN B 264 -10.78 -16.59 -8.45
CA ASN B 264 -9.37 -16.82 -8.33
C ASN B 264 -8.57 -15.56 -8.73
N GLN B 265 -8.52 -14.65 -7.72
CA GLN B 265 -7.89 -13.33 -7.78
C GLN B 265 -6.53 -13.28 -8.40
N GLU B 266 -6.31 -12.37 -9.38
CA GLU B 266 -5.04 -12.21 -10.08
C GLU B 266 -3.83 -11.80 -9.25
N GLY B 267 -2.65 -12.23 -9.71
CA GLY B 267 -1.42 -12.00 -8.99
C GLY B 267 -0.67 -10.77 -9.41
N VAL B 268 -0.58 -9.84 -8.45
CA VAL B 268 0.10 -8.55 -8.58
C VAL B 268 1.59 -8.76 -8.24
N HIS B 269 2.50 -9.02 -9.22
CA HIS B 269 3.92 -9.28 -8.97
C HIS B 269 4.77 -8.16 -8.38
N ASN B 270 5.09 -7.17 -9.25
CA ASN B 270 5.85 -5.93 -9.08
C ASN B 270 5.78 -5.04 -7.82
N LEU B 271 5.03 -5.45 -6.77
CA LEU B 271 4.84 -4.66 -5.56
C LEU B 271 6.12 -4.33 -4.80
N SER B 272 7.21 -5.00 -5.15
CA SER B 272 8.47 -4.79 -4.48
C SER B 272 9.02 -3.41 -4.74
N ASN B 273 8.86 -2.88 -5.96
CA ASN B 273 9.34 -1.56 -6.36
C ASN B 273 9.09 -0.45 -5.36
N ILE B 274 7.95 -0.52 -4.66
CA ILE B 274 7.63 0.50 -3.70
C ILE B 274 8.65 0.63 -2.55
N ILE B 275 9.60 -0.31 -2.38
CA ILE B 275 10.58 -0.17 -1.31
C ILE B 275 11.69 0.69 -1.79
N TYR B 276 11.85 0.74 -3.12
CA TYR B 276 12.94 1.46 -3.71
C TYR B 276 12.55 2.92 -3.77
N LYS B 277 11.54 3.17 -4.61
CA LYS B 277 10.99 4.49 -4.88
C LYS B 277 9.75 4.94 -4.08
N ARG B 278 9.92 5.11 -2.77
CA ARG B 278 8.91 5.37 -1.78
C ARG B 278 7.45 5.75 -2.08
N ASN B 279 6.84 4.77 -2.78
CA ASN B 279 5.44 4.73 -3.18
C ASN B 279 4.49 4.46 -2.03
N ARG B 280 3.31 5.05 -2.06
CA ARG B 280 2.28 4.79 -1.05
C ARG B 280 0.98 4.28 -1.68
N ILE B 281 0.58 3.07 -1.35
CA ILE B 281 -0.67 2.52 -1.80
C ILE B 281 -1.63 2.79 -0.66
N GLN B 282 -2.82 3.27 -0.98
CA GLN B 282 -3.81 3.54 0.06
C GLN B 282 -5.16 3.21 -0.48
N GLY B 283 -5.85 2.40 0.34
CA GLY B 283 -7.19 2.00 -0.02
C GLY B 283 -8.17 2.83 0.77
N PHE B 284 -9.13 3.48 0.13
CA PHE B 284 -10.10 4.24 0.89
C PHE B 284 -11.53 3.87 0.53
N VAL B 285 -12.41 4.44 1.31
CA VAL B 285 -13.82 4.18 1.18
C VAL B 285 -14.47 5.54 1.42
N VAL B 286 -14.98 6.12 0.31
CA VAL B 286 -15.74 7.38 0.26
C VAL B 286 -16.68 7.64 1.44
N SER B 287 -17.22 6.54 1.93
CA SER B 287 -18.19 6.51 3.00
C SER B 287 -17.68 7.18 4.24
N ASP B 288 -16.35 7.11 4.42
CA ASP B 288 -15.73 7.68 5.60
C ASP B 288 -15.77 9.21 5.62
N PHE B 289 -15.63 9.86 4.46
CA PHE B 289 -15.62 11.30 4.32
C PHE B 289 -16.94 12.04 4.08
N TYR B 290 -18.17 11.57 4.36
CA TYR B 290 -19.38 12.32 4.07
C TYR B 290 -19.68 13.46 5.01
N ASP B 291 -18.63 14.00 5.57
CA ASP B 291 -18.72 15.25 6.29
C ASP B 291 -18.33 16.25 5.20
N LYS B 292 -17.31 15.94 4.40
CA LYS B 292 -16.88 16.82 3.35
C LYS B 292 -17.73 16.72 2.10
N TYR B 293 -19.01 16.45 2.34
CA TYR B 293 -20.01 16.37 1.31
C TYR B 293 -20.71 17.72 1.20
N SER B 294 -21.01 18.40 2.32
CA SER B 294 -21.58 19.74 2.20
C SER B 294 -20.56 20.61 1.47
N LYS B 295 -19.31 20.50 1.92
CA LYS B 295 -18.18 21.21 1.32
C LYS B 295 -18.02 20.84 -0.15
N PHE B 296 -18.22 19.58 -0.54
CA PHE B 296 -18.09 19.15 -1.93
C PHE B 296 -19.05 19.80 -2.90
N LEU B 297 -20.31 19.94 -2.45
CA LEU B 297 -21.35 20.57 -3.24
C LEU B 297 -21.04 22.01 -3.58
N GLU B 298 -20.80 22.69 -2.46
CA GLU B 298 -20.30 24.06 -2.34
C GLU B 298 -19.23 24.28 -3.44
N PHE B 299 -18.41 23.26 -3.71
CA PHE B 299 -17.38 23.29 -4.72
C PHE B 299 -17.89 23.00 -6.12
N VAL B 300 -18.54 21.84 -6.28
CA VAL B 300 -18.85 21.32 -7.59
C VAL B 300 -19.97 22.10 -8.25
N LEU B 301 -20.97 22.43 -7.43
CA LEU B 301 -22.15 23.11 -7.92
C LEU B 301 -21.79 24.44 -8.56
N PRO B 302 -20.95 25.37 -8.10
CA PRO B 302 -20.32 26.34 -8.99
C PRO B 302 -19.57 25.84 -10.24
N HIS B 303 -18.62 24.90 -10.18
CA HIS B 303 -17.88 24.43 -11.33
C HIS B 303 -18.66 23.73 -12.46
N ILE B 304 -19.76 23.05 -12.14
CA ILE B 304 -20.56 22.37 -13.16
C ILE B 304 -21.30 23.41 -13.95
N ARG B 305 -22.11 24.18 -13.20
CA ARG B 305 -22.91 25.32 -13.67
C ARG B 305 -22.13 26.37 -14.46
N GLU B 306 -20.83 26.20 -14.70
CA GLU B 306 -20.01 27.15 -15.41
C GLU B 306 -19.19 26.57 -16.54
N GLY B 307 -19.20 25.23 -16.79
CA GLY B 307 -18.45 24.62 -17.89
C GLY B 307 -17.09 24.01 -17.56
N LYS B 308 -16.79 24.02 -16.25
CA LYS B 308 -15.57 23.47 -15.69
C LYS B 308 -15.63 21.96 -15.44
N ILE B 309 -16.85 21.45 -15.16
CA ILE B 309 -17.13 20.02 -14.99
C ILE B 309 -18.19 19.48 -15.98
N THR B 310 -17.77 18.58 -16.89
CA THR B 310 -18.66 17.86 -17.81
C THR B 310 -18.94 16.44 -17.30
N TYR B 311 -20.13 15.88 -17.58
CA TYR B 311 -20.56 14.58 -17.02
C TYR B 311 -21.57 13.89 -17.88
N VAL B 312 -21.19 12.81 -18.58
CA VAL B 312 -22.18 12.06 -19.32
C VAL B 312 -22.88 11.02 -18.45
N GLU B 313 -24.08 10.58 -18.85
CA GLU B 313 -24.83 9.54 -18.15
C GLU B 313 -25.25 8.43 -19.12
N ASP B 314 -25.97 7.43 -18.58
CA ASP B 314 -26.53 6.31 -19.32
C ASP B 314 -27.85 6.05 -18.64
N VAL B 315 -28.96 6.55 -19.18
CA VAL B 315 -30.24 6.32 -18.52
C VAL B 315 -30.95 5.12 -19.17
N ALA B 316 -31.87 4.53 -18.39
CA ALA B 316 -32.70 3.38 -18.75
C ALA B 316 -33.91 3.31 -17.83
N ASP B 317 -35.12 2.95 -18.35
CA ASP B 317 -36.36 2.92 -17.56
C ASP B 317 -36.70 1.60 -16.88
N GLY B 318 -37.05 1.82 -15.60
CA GLY B 318 -37.59 0.85 -14.67
C GLY B 318 -36.68 -0.29 -14.40
N LEU B 319 -37.15 -0.84 -13.30
CA LEU B 319 -36.54 -1.99 -12.66
C LEU B 319 -36.24 -3.14 -13.60
N GLU B 320 -37.14 -3.39 -14.54
CA GLU B 320 -37.03 -4.43 -15.55
C GLU B 320 -35.68 -4.47 -16.26
N LYS B 321 -35.10 -3.27 -16.35
CA LYS B 321 -33.79 -3.06 -16.94
C LYS B 321 -32.66 -3.16 -15.92
N ALA B 322 -32.95 -2.84 -14.64
CA ALA B 322 -31.94 -2.73 -13.60
C ALA B 322 -31.11 -3.96 -13.32
N PRO B 323 -31.58 -5.20 -13.38
CA PRO B 323 -30.75 -6.34 -13.74
C PRO B 323 -29.80 -6.13 -14.89
N GLU B 324 -30.22 -6.07 -16.14
CA GLU B 324 -29.33 -5.90 -17.28
C GLU B 324 -28.43 -4.70 -17.16
N ALA B 325 -28.94 -3.72 -16.41
CA ALA B 325 -28.17 -2.52 -16.24
C ALA B 325 -27.03 -2.87 -15.33
N LEU B 326 -27.31 -3.38 -14.10
CA LEU B 326 -26.33 -3.70 -13.07
C LEU B 326 -25.35 -4.70 -13.64
N VAL B 327 -25.80 -5.69 -14.41
CA VAL B 327 -24.88 -6.67 -14.98
C VAL B 327 -24.01 -6.04 -16.06
N GLY B 328 -24.48 -5.04 -16.81
CA GLY B 328 -23.69 -4.32 -17.82
C GLY B 328 -22.42 -3.61 -17.28
N LEU B 329 -22.26 -3.19 -16.01
CA LEU B 329 -21.04 -2.52 -15.58
C LEU B 329 -19.76 -3.32 -15.76
N PHE B 330 -19.87 -4.60 -15.45
CA PHE B 330 -18.79 -5.59 -15.40
C PHE B 330 -18.25 -5.95 -16.76
N HIS B 331 -19.09 -5.68 -17.76
CA HIS B 331 -18.71 -5.90 -19.13
C HIS B 331 -18.48 -4.58 -19.85
N GLY B 332 -18.82 -3.47 -19.17
CA GLY B 332 -18.60 -2.14 -19.71
C GLY B 332 -19.68 -1.66 -20.66
N LYS B 333 -20.95 -1.92 -20.30
CA LYS B 333 -22.09 -1.43 -21.03
C LYS B 333 -22.83 -0.49 -20.08
N ASN B 334 -22.18 0.67 -20.09
CA ASN B 334 -22.55 1.86 -19.36
C ASN B 334 -21.56 2.83 -19.98
N VAL B 335 -21.98 3.88 -20.73
CA VAL B 335 -20.93 4.77 -21.22
C VAL B 335 -20.91 6.07 -20.42
N GLY B 336 -20.80 5.82 -19.12
CA GLY B 336 -20.76 6.84 -18.12
C GLY B 336 -21.45 6.24 -16.93
N LYS B 337 -22.03 7.11 -16.10
CA LYS B 337 -22.73 6.70 -14.90
C LYS B 337 -23.96 5.92 -15.31
N GLN B 338 -24.06 4.65 -14.98
CA GLN B 338 -25.29 3.96 -15.35
C GLN B 338 -26.43 4.23 -14.37
N VAL B 339 -27.50 4.96 -14.78
CA VAL B 339 -28.72 5.19 -13.97
C VAL B 339 -29.92 4.46 -14.55
N VAL B 340 -30.84 4.10 -13.63
CA VAL B 340 -32.08 3.43 -13.97
C VAL B 340 -33.19 4.26 -13.38
N VAL B 341 -34.13 4.69 -14.24
CA VAL B 341 -35.26 5.50 -13.80
C VAL B 341 -36.39 4.60 -13.34
N VAL B 342 -36.65 4.47 -12.05
CA VAL B 342 -37.79 3.66 -11.64
C VAL B 342 -39.14 4.21 -12.08
N ALA B 343 -39.18 5.55 -11.88
CA ALA B 343 -40.31 6.44 -12.07
C ALA B 343 -39.77 7.83 -12.33
N ARG B 344 -39.89 8.39 -13.53
CA ARG B 344 -39.30 9.69 -13.78
C ARG B 344 -40.03 10.88 -13.17
N GLU B 345 -39.23 11.95 -13.07
CA GLU B 345 -39.58 13.25 -12.56
C GLU B 345 -38.44 14.24 -12.80
#